data_1DJ3
#
_entry.id   1DJ3
#
_cell.length_a   151.44
_cell.length_b   151.44
_cell.length_c   91.94
_cell.angle_alpha   90.00
_cell.angle_beta   90.00
_cell.angle_gamma   90.00
#
_symmetry.space_group_name_H-M   'P 41 21 2'
#
loop_
_entity.id
_entity.type
_entity.pdbx_description
1 polymer 'ADENYLOSUCCINATE SYNTHETASE'
2 non-polymer "GUANOSINE-5'-DIPHOSPHATE"
#
_entity_poly.entity_id   1
_entity_poly.type   'polypeptide(L)'
_entity_poly.pdbx_seq_one_letter_code
;SALAVEADPAADRVSSLSNVSGVLGSQWGDEGKGKLVDVLAPRFDIVARCQGGANAGHTIYNSEGKKFALHLVPSGILHE
GTLCVVGNGAVIHVPGFFGEIDGLQSNGVSCDGRILVSDRAHLLFDLHQTVDGLREAELANSFIGTTKRGIGPCYSSKVT
RNGLRVCDLRHMDTFGDKLDVLFEDAAARFEGFKYSKGMLKEEVERYKKFAERLEPFIADTVHVLNESIRQKKKILVEGG
QATMLDIDFGTYPFVTSSSPSAGGICTGLGIAPRVIGDLIGVVKAYTTRVGSGPFPTELLGEEGDVLRKAGMEFGTTTGR
PRRCGWLDIVALKYCCDINGFSSLNLTKLDVLSGLPEIKLGVSYNQMDGEKLQSFPGDLDTLEQVQVNYEVLPGWDSDIS
SVRSYSELPQAARRYVERIEELAGVPVHYIGVGPGRDALIYK
;
_entity_poly.pdbx_strand_id   A,B
#
loop_
_chem_comp.id
_chem_comp.type
_chem_comp.name
_chem_comp.formula
GDP RNA linking GUANOSINE-5'-DIPHOSPHATE 'C10 H15 N5 O11 P2'
#
# COMPACT_ATOMS: atom_id res chain seq x y z
N ALA A 11 -5.50 33.65 -9.85
CA ALA A 11 -5.59 32.19 -10.08
C ALA A 11 -4.20 31.56 -10.17
N ASP A 12 -3.36 31.83 -9.17
CA ASP A 12 -2.00 31.28 -9.14
C ASP A 12 -1.97 29.89 -8.55
N ARG A 13 -2.67 28.97 -9.22
CA ARG A 13 -2.75 27.57 -8.82
C ARG A 13 -1.39 26.87 -8.86
N VAL A 14 -0.56 27.28 -9.82
CA VAL A 14 0.77 26.71 -9.99
C VAL A 14 1.69 26.99 -8.80
N SER A 15 1.51 28.14 -8.16
CA SER A 15 2.32 28.55 -7.02
C SER A 15 1.63 28.34 -5.67
N SER A 16 0.44 27.73 -5.70
CA SER A 16 -0.32 27.47 -4.49
C SER A 16 -0.01 26.09 -3.91
N LEU A 17 0.50 25.21 -4.76
CA LEU A 17 0.83 23.84 -4.37
C LEU A 17 1.90 23.72 -3.27
N SER A 18 1.74 22.70 -2.43
CA SER A 18 2.65 22.49 -1.31
C SER A 18 3.99 21.83 -1.64
N ASN A 19 4.86 21.78 -0.63
CA ASN A 19 6.19 21.19 -0.72
C ASN A 19 6.11 19.86 -1.45
N VAL A 20 5.11 19.05 -1.08
CA VAL A 20 4.90 17.73 -1.68
C VAL A 20 3.48 17.57 -2.20
N SER A 21 3.29 17.78 -3.50
CA SER A 21 1.97 17.63 -4.11
C SER A 21 1.90 16.38 -4.98
N GLY A 22 0.71 16.08 -5.50
CA GLY A 22 0.55 14.91 -6.35
C GLY A 22 -0.70 14.91 -7.21
N VAL A 23 -0.59 14.28 -8.39
CA VAL A 23 -1.70 14.19 -9.35
C VAL A 23 -2.21 12.74 -9.38
N LEU A 24 -3.50 12.54 -9.15
CA LEU A 24 -4.06 11.19 -9.15
C LEU A 24 -5.28 11.04 -10.05
N GLY A 25 -5.41 9.89 -10.72
CA GLY A 25 -6.56 9.64 -11.58
C GLY A 25 -7.73 9.22 -10.71
N SER A 26 -8.91 9.78 -10.96
CA SER A 26 -10.08 9.47 -10.13
C SER A 26 -11.11 8.53 -10.74
N GLN A 27 -10.90 8.11 -11.98
CA GLN A 27 -11.86 7.24 -12.63
C GLN A 27 -11.22 5.91 -12.99
N TRP A 28 -11.36 5.51 -14.25
CA TRP A 28 -10.75 4.28 -14.74
C TRP A 28 -9.92 4.73 -15.90
N GLY A 29 -9.00 3.87 -16.33
CA GLY A 29 -8.19 4.20 -17.48
C GLY A 29 -7.45 5.52 -17.48
N ASP A 30 -7.25 6.04 -18.68
CA ASP A 30 -6.48 7.24 -18.93
C ASP A 30 -7.25 8.56 -18.88
N GLU A 31 -7.03 9.37 -17.85
CA GLU A 31 -7.72 10.66 -17.75
C GLU A 31 -6.87 11.82 -18.25
N GLY A 32 -5.59 11.56 -18.51
CA GLY A 32 -4.72 12.62 -19.00
C GLY A 32 -3.96 13.32 -17.90
N LYS A 33 -3.51 12.55 -16.91
CA LYS A 33 -2.76 13.08 -15.78
C LYS A 33 -1.43 13.66 -16.28
N GLY A 34 -0.75 12.88 -17.12
CA GLY A 34 0.53 13.32 -17.67
C GLY A 34 0.55 14.76 -18.13
N LYS A 35 -0.47 15.16 -18.90
CA LYS A 35 -0.56 16.52 -19.40
C LYS A 35 -0.41 17.52 -18.25
N LEU A 36 -1.18 17.31 -17.19
CA LEU A 36 -1.14 18.19 -16.03
C LEU A 36 0.23 18.18 -15.37
N VAL A 37 0.79 16.99 -15.22
CA VAL A 37 2.11 16.84 -14.60
C VAL A 37 3.16 17.61 -15.40
N ASP A 38 3.03 17.59 -16.72
CA ASP A 38 3.96 18.30 -17.61
C ASP A 38 3.85 19.81 -17.43
N VAL A 39 2.64 20.28 -17.22
CA VAL A 39 2.40 21.71 -17.04
C VAL A 39 2.90 22.18 -15.69
N LEU A 40 2.66 21.38 -14.65
CA LEU A 40 3.06 21.73 -13.30
C LEU A 40 4.51 21.40 -12.95
N ALA A 41 5.12 20.53 -13.74
CA ALA A 41 6.50 20.09 -13.52
C ALA A 41 7.58 21.16 -13.34
N PRO A 42 7.61 22.18 -14.21
CA PRO A 42 8.63 23.24 -14.08
C PRO A 42 8.63 23.99 -12.76
N ARG A 43 7.55 23.86 -12.00
CA ARG A 43 7.44 24.53 -10.71
C ARG A 43 7.91 23.62 -9.57
N PHE A 44 8.28 22.39 -9.91
CA PHE A 44 8.75 21.43 -8.92
C PHE A 44 10.20 21.00 -9.16
N ASP A 45 10.88 20.62 -8.07
CA ASP A 45 12.27 20.18 -8.15
C ASP A 45 12.33 18.71 -8.52
N ILE A 46 11.30 17.96 -8.14
CA ILE A 46 11.24 16.52 -8.42
C ILE A 46 9.84 16.08 -8.80
N VAL A 47 9.78 15.13 -9.75
CA VAL A 47 8.52 14.54 -10.17
C VAL A 47 8.81 13.05 -10.05
N ALA A 48 8.00 12.36 -9.25
CA ALA A 48 8.22 10.93 -9.01
C ALA A 48 7.02 10.03 -9.25
N ARG A 49 7.27 8.86 -9.84
CA ARG A 49 6.24 7.87 -10.11
C ARG A 49 6.29 6.92 -8.92
N CYS A 50 5.18 6.76 -8.22
CA CYS A 50 5.19 5.89 -7.05
C CYS A 50 4.71 4.45 -7.23
N GLN A 51 3.90 4.19 -8.25
CA GLN A 51 3.37 2.84 -8.48
C GLN A 51 3.39 2.43 -9.95
N GLY A 52 2.98 1.19 -10.21
CA GLY A 52 2.91 0.67 -11.56
C GLY A 52 4.19 0.47 -12.33
N GLY A 53 4.04 -0.01 -13.56
CA GLY A 53 5.17 -0.24 -14.46
C GLY A 53 4.99 0.52 -15.75
N ALA A 54 5.68 0.06 -16.80
CA ALA A 54 5.58 0.72 -18.12
C ALA A 54 4.24 0.45 -18.79
N ASN A 55 3.40 -0.37 -18.14
CA ASN A 55 2.08 -0.73 -18.66
C ASN A 55 1.21 0.49 -18.95
N ALA A 56 1.45 1.59 -18.23
CA ALA A 56 0.68 2.82 -18.41
C ALA A 56 1.01 3.49 -19.74
N GLY A 57 1.26 4.80 -19.71
CA GLY A 57 1.57 5.51 -20.93
C GLY A 57 0.98 6.90 -20.93
N HIS A 58 1.76 7.86 -20.46
CA HIS A 58 1.32 9.25 -20.42
C HIS A 58 1.67 9.94 -21.74
N THR A 59 0.72 10.67 -22.31
CA THR A 59 0.96 11.37 -23.57
C THR A 59 1.00 12.88 -23.33
N ILE A 60 2.14 13.50 -23.60
CA ILE A 60 2.34 14.94 -23.41
C ILE A 60 2.96 15.61 -24.64
N TYR A 61 2.75 16.92 -24.79
CA TYR A 61 3.30 17.68 -25.92
C TYR A 61 4.11 18.89 -25.44
N ASN A 62 5.24 19.14 -26.08
CA ASN A 62 6.08 20.28 -25.70
C ASN A 62 5.57 21.60 -26.28
N SER A 63 6.47 22.58 -26.33
CA SER A 63 6.17 23.91 -26.85
C SER A 63 5.88 23.89 -28.36
N GLU A 64 6.72 23.18 -29.11
CA GLU A 64 6.58 23.06 -30.56
C GLU A 64 5.44 22.15 -30.99
N GLY A 65 4.82 21.47 -30.03
CA GLY A 65 3.71 20.58 -30.33
C GLY A 65 4.15 19.16 -30.67
N LYS A 66 5.33 18.78 -30.19
CA LYS A 66 5.87 17.45 -30.44
C LYS A 66 5.26 16.42 -29.48
N LYS A 67 4.78 15.31 -30.04
CA LYS A 67 4.15 14.27 -29.24
C LYS A 67 5.18 13.37 -28.52
N PHE A 68 4.90 13.10 -27.25
CA PHE A 68 5.75 12.27 -26.41
C PHE A 68 4.88 11.26 -25.65
N ALA A 69 5.27 9.99 -25.70
CA ALA A 69 4.52 8.95 -25.00
C ALA A 69 5.43 8.25 -23.98
N LEU A 70 5.27 8.63 -22.71
CA LEU A 70 6.04 8.06 -21.63
C LEU A 70 5.42 6.78 -21.11
N HIS A 71 6.23 5.95 -20.45
CA HIS A 71 5.76 4.69 -19.88
C HIS A 71 6.11 4.63 -18.41
N LEU A 72 7.40 4.60 -18.11
CA LEU A 72 7.89 4.56 -16.73
C LEU A 72 8.36 5.93 -16.30
N VAL A 73 9.08 6.62 -17.19
CA VAL A 73 9.60 7.94 -16.91
C VAL A 73 8.48 8.95 -16.62
N PRO A 74 8.63 9.72 -15.54
CA PRO A 74 7.63 10.72 -15.17
C PRO A 74 7.54 11.81 -16.25
N SER A 75 6.38 12.43 -16.37
CA SER A 75 6.17 13.47 -17.37
C SER A 75 6.99 14.75 -17.18
N GLY A 76 7.64 14.90 -16.04
CA GLY A 76 8.45 16.09 -15.81
C GLY A 76 9.79 16.03 -16.52
N ILE A 77 10.03 14.94 -17.22
CA ILE A 77 11.29 14.70 -17.93
C ILE A 77 11.61 15.74 -19.03
N LEU A 78 10.62 16.52 -19.45
CA LEU A 78 10.84 17.52 -20.49
C LEU A 78 11.41 18.86 -19.98
N HIS A 79 11.67 18.95 -18.68
CA HIS A 79 12.19 20.18 -18.09
C HIS A 79 13.57 19.96 -17.46
N GLU A 80 14.53 20.77 -17.87
CA GLU A 80 15.91 20.68 -17.41
C GLU A 80 16.15 20.68 -15.90
N GLY A 81 15.60 21.67 -15.21
CA GLY A 81 15.78 21.77 -13.78
C GLY A 81 14.92 20.83 -12.96
N THR A 82 14.40 19.79 -13.59
CA THR A 82 13.54 18.83 -12.90
C THR A 82 14.15 17.42 -12.87
N LEU A 83 14.10 16.80 -11.71
CA LEU A 83 14.63 15.46 -11.53
C LEU A 83 13.50 14.45 -11.45
N CYS A 84 13.51 13.49 -12.35
CA CYS A 84 12.50 12.44 -12.36
C CYS A 84 12.93 11.28 -11.48
N VAL A 85 12.00 10.72 -10.72
CA VAL A 85 12.29 9.61 -9.83
C VAL A 85 11.30 8.48 -9.96
N VAL A 86 11.81 7.26 -10.04
CA VAL A 86 10.97 6.07 -10.12
C VAL A 86 11.04 5.40 -8.75
N GLY A 87 10.03 5.65 -7.94
CA GLY A 87 9.96 5.10 -6.58
C GLY A 87 10.02 3.60 -6.39
N ASN A 88 10.14 3.19 -5.13
CA ASN A 88 10.22 1.79 -4.75
C ASN A 88 8.93 1.00 -4.98
N GLY A 89 7.83 1.71 -5.14
CA GLY A 89 6.56 1.05 -5.37
C GLY A 89 6.44 0.54 -6.79
N ALA A 90 7.27 1.08 -7.67
CA ALA A 90 7.25 0.69 -9.08
C ALA A 90 7.83 -0.68 -9.36
N VAL A 91 7.72 -1.09 -10.62
CA VAL A 91 8.23 -2.36 -11.12
C VAL A 91 8.93 -2.02 -12.43
N ILE A 92 10.20 -2.42 -12.56
CA ILE A 92 10.95 -2.09 -13.75
C ILE A 92 11.32 -3.21 -14.70
N HIS A 93 10.83 -3.11 -15.93
CA HIS A 93 11.15 -4.07 -16.98
C HIS A 93 12.36 -3.44 -17.67
N VAL A 94 13.54 -3.66 -17.10
CA VAL A 94 14.80 -3.10 -17.58
C VAL A 94 15.01 -3.03 -19.11
N PRO A 95 14.65 -4.09 -19.86
CA PRO A 95 14.83 -4.04 -21.32
C PRO A 95 14.00 -2.92 -21.95
N GLY A 96 12.72 -2.89 -21.57
CA GLY A 96 11.82 -1.87 -22.09
C GLY A 96 12.20 -0.48 -21.63
N PHE A 97 12.74 -0.39 -20.42
CA PHE A 97 13.17 0.89 -19.84
C PHE A 97 14.24 1.55 -20.71
N PHE A 98 15.32 0.82 -20.99
CA PHE A 98 16.40 1.34 -21.81
C PHE A 98 15.91 1.68 -23.21
N GLY A 99 14.96 0.90 -23.71
CA GLY A 99 14.41 1.17 -25.03
C GLY A 99 13.70 2.51 -25.00
N GLU A 100 13.08 2.81 -23.87
CA GLU A 100 12.36 4.06 -23.67
C GLU A 100 13.38 5.20 -23.57
N ILE A 101 14.50 4.93 -22.90
CA ILE A 101 15.56 5.91 -22.72
C ILE A 101 16.19 6.26 -24.07
N ASP A 102 16.48 5.21 -24.85
CA ASP A 102 17.08 5.39 -26.17
C ASP A 102 16.16 6.21 -27.07
N GLY A 103 14.86 5.97 -26.94
CA GLY A 103 13.89 6.70 -27.75
C GLY A 103 13.79 8.17 -27.35
N LEU A 104 14.19 8.49 -26.13
CA LEU A 104 14.15 9.88 -25.67
C LEU A 104 15.45 10.59 -26.03
N GLN A 105 16.55 9.85 -25.98
CA GLN A 105 17.86 10.39 -26.29
C GLN A 105 17.95 10.78 -27.76
N SER A 106 17.26 10.03 -28.62
CA SER A 106 17.26 10.30 -30.06
C SER A 106 16.39 11.51 -30.40
N ASN A 107 15.45 11.81 -29.51
CA ASN A 107 14.57 12.96 -29.70
C ASN A 107 15.14 14.18 -28.97
N GLY A 108 16.46 14.23 -28.87
CA GLY A 108 17.15 15.34 -28.23
C GLY A 108 17.00 15.49 -26.72
N VAL A 109 16.29 14.59 -26.09
CA VAL A 109 16.11 14.67 -24.64
C VAL A 109 17.13 13.81 -23.90
N SER A 110 18.08 14.45 -23.23
CA SER A 110 19.09 13.71 -22.47
C SER A 110 18.44 13.21 -21.18
N CYS A 111 18.96 12.10 -20.65
CA CYS A 111 18.41 11.52 -19.44
C CYS A 111 19.48 11.31 -18.38
N ASP A 112 20.74 11.41 -18.79
CA ASP A 112 21.86 11.22 -17.89
C ASP A 112 21.85 12.21 -16.72
N GLY A 113 21.73 11.65 -15.52
CA GLY A 113 21.70 12.46 -14.32
C GLY A 113 20.40 13.19 -14.08
N ARG A 114 19.34 12.78 -14.78
CA ARG A 114 18.03 13.43 -14.61
C ARG A 114 16.95 12.43 -14.27
N ILE A 115 17.35 11.19 -14.06
CA ILE A 115 16.40 10.13 -13.70
C ILE A 115 17.00 9.22 -12.64
N LEU A 116 16.25 9.03 -11.56
CA LEU A 116 16.69 8.16 -10.49
C LEU A 116 15.84 6.91 -10.52
N VAL A 117 16.48 5.77 -10.24
CA VAL A 117 15.79 4.49 -10.21
C VAL A 117 15.94 3.88 -8.82
N SER A 118 14.82 3.78 -8.11
CA SER A 118 14.80 3.23 -6.75
C SER A 118 15.47 1.88 -6.65
N ASP A 119 16.43 1.78 -5.76
CA ASP A 119 17.14 0.53 -5.55
C ASP A 119 16.20 -0.53 -4.95
N ARG A 120 15.13 -0.08 -4.30
CA ARG A 120 14.17 -0.98 -3.69
C ARG A 120 13.01 -1.36 -4.62
N ALA A 121 13.03 -0.86 -5.85
CA ALA A 121 11.99 -1.18 -6.83
C ALA A 121 12.22 -2.58 -7.38
N HIS A 122 11.15 -3.37 -7.48
CA HIS A 122 11.27 -4.73 -7.98
C HIS A 122 11.54 -4.85 -9.48
N LEU A 123 11.98 -6.04 -9.90
CA LEU A 123 12.29 -6.28 -11.31
C LEU A 123 11.26 -7.13 -12.06
N LEU A 124 10.86 -6.61 -13.22
CA LEU A 124 9.92 -7.29 -14.09
C LEU A 124 10.71 -7.88 -15.25
N PHE A 125 10.87 -9.20 -15.23
CA PHE A 125 11.62 -9.91 -16.27
C PHE A 125 10.70 -10.36 -17.38
N ASP A 126 11.29 -10.73 -18.52
CA ASP A 126 10.52 -11.23 -19.66
C ASP A 126 9.73 -12.44 -19.18
N LEU A 127 10.27 -13.09 -18.15
CA LEU A 127 9.66 -14.27 -17.54
C LEU A 127 8.21 -13.96 -17.14
N HIS A 128 8.02 -12.90 -16.35
CA HIS A 128 6.68 -12.52 -15.90
C HIS A 128 5.77 -12.29 -17.10
N GLN A 129 6.33 -11.73 -18.16
CA GLN A 129 5.58 -11.45 -19.37
C GLN A 129 5.04 -12.75 -19.97
N THR A 130 5.89 -13.74 -20.16
CA THR A 130 5.44 -15.01 -20.74
C THR A 130 4.48 -15.73 -19.79
N VAL A 131 4.73 -15.62 -18.49
CA VAL A 131 3.89 -16.24 -17.47
C VAL A 131 2.51 -15.60 -17.47
N ASP A 132 2.48 -14.29 -17.57
CA ASP A 132 1.23 -13.55 -17.61
C ASP A 132 0.40 -14.10 -18.77
N GLY A 133 1.04 -14.28 -19.91
CA GLY A 133 0.35 -14.80 -21.07
C GLY A 133 -0.17 -16.22 -20.87
N LEU A 134 0.64 -17.06 -20.26
CA LEU A 134 0.27 -18.46 -20.01
C LEU A 134 -1.00 -18.57 -19.18
N ARG A 135 -1.18 -17.62 -18.26
CA ARG A 135 -2.35 -17.57 -17.38
C ARG A 135 -3.67 -17.46 -18.14
N GLU A 136 -3.72 -16.52 -19.07
CA GLU A 136 -4.94 -16.29 -19.85
C GLU A 136 -5.20 -17.39 -20.86
N ALA A 137 -4.12 -17.95 -21.41
CA ALA A 137 -4.19 -19.03 -22.39
C ALA A 137 -5.02 -20.21 -21.91
N GLU A 138 -4.95 -20.50 -20.62
CA GLU A 138 -5.68 -21.60 -20.03
C GLU A 138 -6.97 -21.16 -19.35
N LEU A 139 -7.05 -19.88 -18.99
CA LEU A 139 -8.22 -19.30 -18.33
C LEU A 139 -9.45 -19.34 -19.24
N ALA A 140 -10.55 -18.76 -18.76
CA ALA A 140 -11.80 -18.70 -19.53
C ALA A 140 -11.55 -18.11 -20.92
N ASN A 141 -10.29 -17.69 -21.13
CA ASN A 141 -9.79 -17.14 -22.38
C ASN A 141 -10.04 -15.65 -22.59
N SER A 142 -9.27 -14.81 -21.89
CA SER A 142 -9.39 -13.37 -22.06
C SER A 142 -8.97 -13.19 -23.52
N PHE A 143 -9.54 -12.23 -24.24
CA PHE A 143 -9.16 -12.15 -25.64
C PHE A 143 -8.49 -11.02 -26.37
N ILE A 144 -7.90 -11.45 -27.49
CA ILE A 144 -7.16 -10.66 -28.46
C ILE A 144 -6.53 -9.39 -27.91
N GLY A 145 -5.21 -9.45 -27.76
CA GLY A 145 -4.47 -8.31 -27.23
C GLY A 145 -3.15 -8.79 -26.69
N THR A 146 -2.06 -8.21 -27.22
CA THR A 146 -0.72 -8.56 -26.78
C THR A 146 -0.38 -7.90 -25.44
N THR A 147 -1.37 -7.84 -24.56
CA THR A 147 -1.21 -7.27 -23.22
C THR A 147 -0.39 -8.20 -22.32
N LYS A 148 0.82 -8.50 -22.78
CA LYS A 148 1.73 -9.38 -22.06
C LYS A 148 2.42 -8.65 -20.91
N ARG A 149 1.71 -7.67 -20.35
CA ARG A 149 2.22 -6.89 -19.22
C ARG A 149 2.33 -7.77 -17.98
N GLY A 150 3.54 -8.24 -17.69
CA GLY A 150 3.73 -9.10 -16.54
C GLY A 150 3.63 -8.36 -15.21
N ILE A 151 2.79 -7.33 -15.16
CA ILE A 151 2.60 -6.53 -13.96
C ILE A 151 2.04 -7.38 -12.83
N GLY A 152 0.93 -8.07 -13.09
CA GLY A 152 0.30 -8.90 -12.09
C GLY A 152 1.29 -9.86 -11.44
N PRO A 153 1.91 -10.77 -12.21
CA PRO A 153 2.88 -11.74 -11.72
C PRO A 153 4.09 -11.15 -10.99
N CYS A 154 4.56 -9.98 -11.42
CA CYS A 154 5.71 -9.35 -10.78
C CYS A 154 5.40 -8.93 -9.35
N TYR A 155 4.26 -8.29 -9.16
CA TYR A 155 3.83 -7.86 -7.83
C TYR A 155 3.58 -9.07 -6.96
N SER A 156 3.29 -10.19 -7.61
CA SER A 156 3.05 -11.45 -6.92
C SER A 156 4.40 -11.95 -6.38
N SER A 157 5.42 -11.92 -7.22
CA SER A 157 6.76 -12.35 -6.82
C SER A 157 7.20 -11.52 -5.61
N LYS A 158 6.84 -10.24 -5.64
CA LYS A 158 7.15 -9.29 -4.57
C LYS A 158 6.49 -9.73 -3.28
N VAL A 159 5.17 -9.92 -3.34
CA VAL A 159 4.40 -10.37 -2.20
C VAL A 159 4.95 -11.72 -1.70
N THR A 160 5.33 -12.57 -2.64
CA THR A 160 5.90 -13.88 -2.33
C THR A 160 7.29 -13.71 -1.73
N ARG A 161 7.89 -12.55 -1.98
CA ARG A 161 9.22 -12.22 -1.48
C ARG A 161 10.36 -13.01 -2.13
N ASN A 162 10.08 -13.65 -3.26
CA ASN A 162 11.10 -14.40 -3.98
C ASN A 162 11.55 -13.68 -5.25
N GLY A 163 10.98 -12.50 -5.49
CA GLY A 163 11.35 -11.71 -6.65
C GLY A 163 12.60 -10.90 -6.39
N LEU A 164 13.19 -10.38 -7.46
CA LEU A 164 14.41 -9.58 -7.32
C LEU A 164 14.13 -8.08 -7.38
N ARG A 165 15.08 -7.30 -6.85
CA ARG A 165 14.96 -5.86 -6.83
C ARG A 165 16.18 -5.24 -7.52
N VAL A 166 16.12 -3.93 -7.76
CA VAL A 166 17.19 -3.19 -8.41
C VAL A 166 18.56 -3.33 -7.73
N CYS A 167 18.58 -3.44 -6.42
CA CYS A 167 19.83 -3.57 -5.66
C CYS A 167 20.59 -4.85 -6.01
N ASP A 168 19.86 -5.88 -6.44
CA ASP A 168 20.46 -7.16 -6.81
C ASP A 168 21.43 -7.10 -7.98
N LEU A 169 21.25 -6.12 -8.86
CA LEU A 169 22.12 -5.96 -10.02
C LEU A 169 23.53 -5.52 -9.63
N ARG A 170 23.71 -5.08 -8.40
CA ARG A 170 25.01 -4.65 -7.90
C ARG A 170 25.79 -5.86 -7.38
N HIS A 171 25.12 -6.99 -7.30
CA HIS A 171 25.71 -8.24 -6.83
C HIS A 171 25.31 -9.35 -7.78
N MET A 172 25.88 -9.30 -8.98
CA MET A 172 25.61 -10.30 -10.02
C MET A 172 26.06 -11.69 -9.60
N ASP A 173 26.93 -11.74 -8.59
CA ASP A 173 27.46 -12.98 -8.04
C ASP A 173 26.30 -13.85 -7.60
N THR A 174 25.46 -13.29 -6.74
CA THR A 174 24.31 -13.99 -6.21
C THR A 174 23.07 -13.84 -7.10
N PHE A 175 23.09 -12.85 -8.00
CA PHE A 175 21.96 -12.61 -8.89
C PHE A 175 21.58 -13.90 -9.62
N GLY A 176 22.59 -14.68 -9.99
CA GLY A 176 22.34 -15.93 -10.69
C GLY A 176 21.42 -16.87 -9.93
N ASP A 177 21.84 -17.28 -8.74
CA ASP A 177 21.05 -18.19 -7.89
C ASP A 177 19.81 -17.55 -7.28
N LYS A 178 19.61 -16.26 -7.53
CA LYS A 178 18.44 -15.56 -7.02
C LYS A 178 17.40 -15.51 -8.14
N LEU A 179 17.88 -15.50 -9.38
CA LEU A 179 16.99 -15.45 -10.54
C LEU A 179 16.45 -16.80 -10.91
N ASP A 180 17.30 -17.83 -10.84
CA ASP A 180 16.86 -19.17 -11.18
C ASP A 180 15.74 -19.67 -10.28
N VAL A 181 15.65 -19.13 -9.06
CA VAL A 181 14.63 -19.55 -8.11
C VAL A 181 13.19 -19.33 -8.62
N LEU A 182 12.92 -18.17 -9.21
CA LEU A 182 11.59 -17.92 -9.73
C LEU A 182 11.43 -18.53 -11.12
N PHE A 183 12.56 -18.89 -11.73
CA PHE A 183 12.54 -19.54 -13.04
C PHE A 183 12.08 -20.97 -12.82
N GLU A 184 12.60 -21.57 -11.75
CA GLU A 184 12.28 -22.92 -11.35
C GLU A 184 10.81 -23.00 -10.94
N ASP A 185 10.36 -21.97 -10.22
CA ASP A 185 8.98 -21.86 -9.73
C ASP A 185 8.00 -21.92 -10.91
N ALA A 186 8.15 -20.96 -11.82
CA ALA A 186 7.29 -20.87 -13.00
C ALA A 186 7.19 -22.17 -13.79
N ALA A 187 8.30 -22.89 -13.87
CA ALA A 187 8.35 -24.17 -14.59
C ALA A 187 7.47 -25.21 -13.92
N ALA A 188 7.55 -25.26 -12.59
CA ALA A 188 6.76 -26.21 -11.81
C ALA A 188 5.27 -25.99 -12.02
N ARG A 189 4.89 -24.73 -12.20
CA ARG A 189 3.50 -24.35 -12.41
C ARG A 189 3.01 -24.72 -13.81
N PHE A 190 3.50 -24.01 -14.82
CA PHE A 190 3.11 -24.25 -16.21
C PHE A 190 4.00 -25.25 -16.93
N GLU A 191 3.38 -26.18 -17.65
CA GLU A 191 4.13 -27.16 -18.43
C GLU A 191 4.68 -26.47 -19.67
N GLY A 192 4.09 -25.32 -19.98
CA GLY A 192 4.51 -24.52 -21.13
C GLY A 192 5.74 -23.69 -20.78
N PHE A 193 6.59 -24.24 -19.91
CA PHE A 193 7.82 -23.61 -19.47
C PHE A 193 8.78 -24.70 -19.02
N LYS A 194 9.94 -24.79 -19.67
CA LYS A 194 10.92 -25.81 -19.32
C LYS A 194 12.17 -25.33 -18.60
N TYR A 195 12.54 -24.07 -18.78
CA TYR A 195 13.72 -23.50 -18.15
C TYR A 195 15.00 -24.27 -18.47
N SER A 196 15.65 -23.88 -19.56
CA SER A 196 16.91 -24.52 -19.93
C SER A 196 17.98 -23.89 -19.04
N LYS A 197 18.94 -24.69 -18.61
CA LYS A 197 20.03 -24.19 -17.78
C LYS A 197 20.85 -23.22 -18.63
N GLY A 198 20.77 -23.41 -19.95
CA GLY A 198 21.47 -22.56 -20.88
C GLY A 198 20.78 -21.22 -21.00
N MET A 199 19.45 -21.23 -20.93
CA MET A 199 18.68 -20.00 -21.01
C MET A 199 18.94 -19.13 -19.78
N LEU A 200 19.28 -19.76 -18.66
CA LEU A 200 19.58 -19.04 -17.43
C LEU A 200 20.90 -18.28 -17.59
N LYS A 201 21.89 -18.97 -18.14
CA LYS A 201 23.21 -18.40 -18.37
C LYS A 201 23.12 -17.06 -19.08
N GLU A 202 22.27 -17.00 -20.10
CA GLU A 202 22.07 -15.79 -20.89
C GLU A 202 21.51 -14.69 -20.01
N GLU A 203 20.35 -14.95 -19.40
CA GLU A 203 19.68 -13.98 -18.54
C GLU A 203 20.65 -13.29 -17.59
N VAL A 204 21.58 -14.06 -17.01
CA VAL A 204 22.58 -13.51 -16.10
C VAL A 204 23.52 -12.56 -16.85
N GLU A 205 24.06 -13.03 -17.97
CA GLU A 205 24.98 -12.23 -18.77
C GLU A 205 24.28 -11.05 -19.45
N ARG A 206 22.97 -11.15 -19.60
CA ARG A 206 22.18 -10.09 -20.22
C ARG A 206 22.05 -8.93 -19.24
N TYR A 207 21.53 -9.25 -18.05
CA TYR A 207 21.35 -8.24 -17.00
C TYR A 207 22.67 -7.80 -16.36
N LYS A 208 23.74 -8.53 -16.66
CA LYS A 208 25.05 -8.19 -16.13
C LYS A 208 25.49 -6.98 -16.94
N LYS A 209 25.11 -6.97 -18.20
CA LYS A 209 25.42 -5.86 -19.11
C LYS A 209 24.48 -4.70 -18.80
N PHE A 210 23.22 -5.03 -18.49
CA PHE A 210 22.21 -4.02 -18.16
C PHE A 210 22.60 -3.30 -16.88
N ALA A 211 23.14 -4.05 -15.93
CA ALA A 211 23.57 -3.50 -14.65
C ALA A 211 24.62 -2.41 -14.86
N GLU A 212 25.46 -2.59 -15.87
CA GLU A 212 26.52 -1.63 -16.19
C GLU A 212 25.91 -0.27 -16.59
N ARG A 213 24.90 -0.31 -17.45
CA ARG A 213 24.22 0.88 -17.94
C ARG A 213 23.30 1.54 -16.90
N LEU A 214 22.55 0.73 -16.18
CA LEU A 214 21.62 1.21 -15.17
C LEU A 214 22.28 1.76 -13.91
N GLU A 215 23.48 1.28 -13.61
CA GLU A 215 24.22 1.71 -12.43
C GLU A 215 24.19 3.21 -12.08
N PRO A 216 24.49 4.09 -13.05
CA PRO A 216 24.47 5.52 -12.75
C PRO A 216 23.08 6.07 -12.39
N PHE A 217 22.04 5.33 -12.72
CA PHE A 217 20.66 5.74 -12.44
C PHE A 217 20.24 5.36 -11.04
N ILE A 218 20.69 4.20 -10.58
CA ILE A 218 20.33 3.71 -9.24
C ILE A 218 20.71 4.68 -8.13
N ALA A 219 19.86 4.75 -7.12
CA ALA A 219 20.07 5.62 -5.97
C ALA A 219 19.02 5.29 -4.91
N ASP A 220 19.36 5.51 -3.65
CA ASP A 220 18.43 5.26 -2.53
C ASP A 220 17.26 6.23 -2.64
N THR A 221 16.22 5.80 -3.34
CA THR A 221 15.03 6.59 -3.56
C THR A 221 14.42 7.14 -2.27
N VAL A 222 14.29 6.28 -1.26
CA VAL A 222 13.70 6.68 0.00
C VAL A 222 14.50 7.80 0.67
N HIS A 223 15.81 7.59 0.80
CA HIS A 223 16.67 8.58 1.42
C HIS A 223 16.67 9.89 0.65
N VAL A 224 16.93 9.82 -0.66
CA VAL A 224 16.96 11.01 -1.50
C VAL A 224 15.73 11.88 -1.33
N LEU A 225 14.56 11.29 -1.53
CA LEU A 225 13.29 11.99 -1.41
C LEU A 225 13.12 12.67 -0.06
N ASN A 226 13.31 11.90 1.01
CA ASN A 226 13.17 12.41 2.35
C ASN A 226 14.16 13.52 2.63
N GLU A 227 15.39 13.35 2.16
CA GLU A 227 16.44 14.35 2.34
C GLU A 227 15.98 15.62 1.62
N SER A 228 15.43 15.43 0.42
CA SER A 228 14.93 16.53 -0.39
C SER A 228 13.92 17.38 0.39
N ILE A 229 12.99 16.71 1.06
CA ILE A 229 11.97 17.39 1.84
C ILE A 229 12.59 18.21 2.96
N ARG A 230 13.64 17.69 3.57
CA ARG A 230 14.32 18.39 4.65
C ARG A 230 14.97 19.67 4.12
N GLN A 231 15.35 19.64 2.84
CA GLN A 231 15.98 20.78 2.20
C GLN A 231 14.97 21.68 1.47
N LYS A 232 13.68 21.45 1.74
CA LYS A 232 12.60 22.22 1.14
C LYS A 232 12.49 22.16 -0.38
N LYS A 233 12.85 21.00 -0.96
CA LYS A 233 12.78 20.80 -2.40
C LYS A 233 11.36 20.36 -2.75
N LYS A 234 10.71 21.09 -3.66
CA LYS A 234 9.35 20.75 -4.06
C LYS A 234 9.31 19.45 -4.86
N ILE A 235 8.30 18.62 -4.58
CA ILE A 235 8.16 17.34 -5.26
C ILE A 235 6.70 17.06 -5.67
N LEU A 236 6.52 16.76 -6.95
CA LEU A 236 5.21 16.46 -7.50
C LEU A 236 5.11 14.97 -7.85
N VAL A 237 4.15 14.27 -7.26
CA VAL A 237 3.99 12.84 -7.52
C VAL A 237 3.03 12.57 -8.68
N GLU A 238 3.50 11.78 -9.66
CA GLU A 238 2.71 11.41 -10.82
C GLU A 238 1.98 10.08 -10.59
N GLY A 239 0.65 10.15 -10.52
CA GLY A 239 -0.14 8.96 -10.31
C GLY A 239 -0.04 8.03 -11.52
N GLY A 240 0.01 6.73 -11.26
CA GLY A 240 0.12 5.77 -12.34
C GLY A 240 -1.17 5.59 -13.12
N GLN A 241 -2.20 5.13 -12.42
CA GLN A 241 -3.50 4.91 -13.02
C GLN A 241 -4.51 5.55 -12.09
N ALA A 242 -5.77 5.12 -12.19
CA ALA A 242 -6.82 5.69 -11.35
C ALA A 242 -7.16 4.81 -10.14
N THR A 243 -7.79 5.43 -9.14
CA THR A 243 -8.17 4.71 -7.92
C THR A 243 -9.33 3.73 -8.11
N MET A 244 -10.13 3.91 -9.17
CA MET A 244 -11.23 2.98 -9.40
C MET A 244 -10.63 1.69 -9.95
N LEU A 245 -9.33 1.74 -10.22
CA LEU A 245 -8.59 0.60 -10.74
C LEU A 245 -7.73 -0.01 -9.61
N ASP A 246 -7.76 0.62 -8.44
CA ASP A 246 -7.00 0.20 -7.27
C ASP A 246 -7.27 -1.24 -6.87
N ILE A 247 -6.20 -1.94 -6.50
CA ILE A 247 -6.28 -3.33 -6.09
C ILE A 247 -7.23 -3.57 -4.90
N ASP A 248 -7.37 -2.57 -4.04
CA ASP A 248 -8.25 -2.66 -2.88
C ASP A 248 -9.59 -1.98 -3.08
N PHE A 249 -9.54 -0.74 -3.55
CA PHE A 249 -10.71 0.09 -3.73
C PHE A 249 -11.39 0.03 -5.09
N GLY A 250 -10.65 -0.41 -6.10
CA GLY A 250 -11.22 -0.50 -7.44
C GLY A 250 -12.29 -1.56 -7.61
N THR A 251 -12.74 -1.74 -8.85
CA THR A 251 -13.77 -2.73 -9.15
C THR A 251 -13.17 -4.14 -9.25
N TYR A 252 -12.81 -4.69 -8.09
CA TYR A 252 -12.23 -6.02 -8.02
C TYR A 252 -13.24 -7.04 -8.57
N PRO A 253 -12.75 -8.07 -9.28
CA PRO A 253 -11.34 -8.33 -9.57
C PRO A 253 -10.79 -7.57 -10.76
N PHE A 254 -11.65 -6.84 -11.46
CA PHE A 254 -11.25 -6.06 -12.63
C PHE A 254 -10.49 -4.80 -12.21
N VAL A 255 -9.26 -5.01 -11.74
CA VAL A 255 -8.40 -3.91 -11.30
C VAL A 255 -6.96 -4.27 -11.59
N THR A 256 -6.04 -3.38 -11.20
CA THR A 256 -4.61 -3.62 -11.38
C THR A 256 -4.07 -4.15 -10.05
N SER A 257 -2.92 -4.82 -10.09
CA SER A 257 -2.30 -5.38 -8.89
C SER A 257 -1.58 -4.33 -8.05
N SER A 258 -1.56 -3.09 -8.54
CA SER A 258 -0.91 -1.97 -7.86
C SER A 258 -1.93 -1.11 -7.11
N SER A 259 -1.46 -0.19 -6.27
CA SER A 259 -2.33 0.73 -5.52
C SER A 259 -2.20 2.17 -6.06
N PRO A 260 -3.06 2.54 -7.02
CA PRO A 260 -3.04 3.88 -7.61
C PRO A 260 -3.56 4.99 -6.68
N SER A 261 -4.12 4.59 -5.54
CA SER A 261 -4.65 5.57 -4.59
C SER A 261 -3.53 6.35 -3.88
N ALA A 262 -3.94 7.32 -3.07
CA ALA A 262 -3.00 8.17 -2.35
C ALA A 262 -2.13 7.38 -1.41
N GLY A 263 -2.71 6.38 -0.76
CA GLY A 263 -1.94 5.55 0.16
C GLY A 263 -0.73 5.01 -0.56
N GLY A 264 -0.92 4.69 -1.84
CA GLY A 264 0.15 4.15 -2.65
C GLY A 264 1.34 5.05 -2.83
N ILE A 265 1.18 6.36 -2.69
CA ILE A 265 2.33 7.23 -2.88
C ILE A 265 3.24 7.16 -1.66
N CYS A 266 2.69 6.72 -0.54
CA CYS A 266 3.48 6.57 0.65
C CYS A 266 4.27 5.27 0.56
N THR A 267 3.56 4.19 0.29
CA THR A 267 4.18 2.87 0.18
C THR A 267 5.09 2.76 -1.05
N GLY A 268 4.84 3.59 -2.05
CA GLY A 268 5.63 3.54 -3.26
C GLY A 268 6.81 4.49 -3.27
N LEU A 269 6.78 5.53 -2.45
CA LEU A 269 7.89 6.48 -2.42
C LEU A 269 8.64 6.45 -1.10
N GLY A 270 7.94 6.12 -0.03
CA GLY A 270 8.57 6.08 1.28
C GLY A 270 8.51 7.39 2.02
N ILE A 271 7.42 8.13 1.84
CA ILE A 271 7.24 9.41 2.51
C ILE A 271 6.09 9.37 3.51
N ALA A 272 6.20 10.18 4.55
CA ALA A 272 5.20 10.24 5.60
C ALA A 272 3.85 10.81 5.15
N PRO A 273 2.74 10.18 5.56
CA PRO A 273 1.41 10.64 5.19
C PRO A 273 1.17 12.09 5.61
N ARG A 274 1.86 12.52 6.66
CA ARG A 274 1.70 13.88 7.15
C ARG A 274 2.37 14.92 6.24
N VAL A 275 3.33 14.48 5.45
CA VAL A 275 4.05 15.40 4.57
C VAL A 275 3.36 15.67 3.22
N ILE A 276 2.39 14.82 2.86
CA ILE A 276 1.69 14.98 1.60
C ILE A 276 0.70 16.15 1.66
N GLY A 277 0.94 17.14 0.82
CA GLY A 277 0.07 18.30 0.77
C GLY A 277 -1.11 18.16 -0.17
N ASP A 278 -1.19 19.05 -1.15
CA ASP A 278 -2.27 19.04 -2.13
C ASP A 278 -2.32 17.80 -3.02
N LEU A 279 -3.52 17.38 -3.35
CA LEU A 279 -3.73 16.22 -4.21
C LEU A 279 -4.78 16.57 -5.25
N ILE A 280 -4.33 16.76 -6.48
CA ILE A 280 -5.21 17.08 -7.59
C ILE A 280 -5.75 15.81 -8.22
N GLY A 281 -7.07 15.69 -8.24
CA GLY A 281 -7.70 14.52 -8.82
C GLY A 281 -8.17 14.79 -10.24
N VAL A 282 -7.58 14.07 -11.19
CA VAL A 282 -7.94 14.23 -12.60
C VAL A 282 -9.23 13.50 -12.93
N VAL A 283 -10.26 14.28 -13.21
CA VAL A 283 -11.57 13.76 -13.55
C VAL A 283 -11.86 14.12 -15.00
N LYS A 284 -11.96 13.11 -15.84
CA LYS A 284 -12.28 13.36 -17.25
C LYS A 284 -13.76 13.73 -17.30
N ALA A 285 -14.15 14.51 -18.29
CA ALA A 285 -15.54 14.94 -18.42
C ALA A 285 -16.49 13.77 -18.56
N TYR A 286 -15.98 12.64 -19.05
CA TYR A 286 -16.76 11.43 -19.24
C TYR A 286 -15.86 10.25 -18.88
N THR A 287 -16.45 9.14 -18.49
CA THR A 287 -15.66 7.98 -18.10
C THR A 287 -15.34 7.05 -19.26
N THR A 288 -14.19 6.39 -19.17
CA THR A 288 -13.75 5.45 -20.20
C THR A 288 -13.09 4.25 -19.51
N ARG A 289 -13.71 3.09 -19.64
CA ARG A 289 -13.15 1.91 -19.02
C ARG A 289 -12.59 1.03 -20.14
N VAL A 290 -11.31 0.72 -20.05
CA VAL A 290 -10.68 -0.13 -21.04
C VAL A 290 -10.73 -1.59 -20.63
N GLY A 291 -11.49 -2.39 -21.36
CA GLY A 291 -11.60 -3.82 -21.05
C GLY A 291 -12.90 -4.17 -20.35
N SER A 292 -13.11 -5.46 -20.10
CA SER A 292 -14.31 -5.93 -19.43
C SER A 292 -14.36 -5.52 -17.96
N GLY A 293 -15.57 -5.43 -17.43
CA GLY A 293 -15.74 -5.04 -16.05
C GLY A 293 -17.03 -4.27 -15.90
N PRO A 294 -17.44 -3.92 -14.67
CA PRO A 294 -18.68 -3.18 -14.43
C PRO A 294 -18.62 -1.75 -14.98
N PHE A 295 -19.67 -1.36 -15.68
CA PHE A 295 -19.73 -0.02 -16.25
C PHE A 295 -21.16 0.47 -16.20
N PRO A 296 -21.53 1.16 -15.11
CA PRO A 296 -22.87 1.71 -14.88
C PRO A 296 -23.29 2.72 -15.94
N THR A 297 -22.52 3.78 -16.06
CA THR A 297 -22.77 4.86 -17.00
C THR A 297 -22.41 4.54 -18.45
N GLU A 298 -22.14 3.27 -18.74
CA GLU A 298 -21.76 2.88 -20.10
C GLU A 298 -22.75 3.23 -21.21
N LEU A 299 -22.24 3.87 -22.26
CA LEU A 299 -23.05 4.25 -23.41
C LEU A 299 -22.73 3.33 -24.57
N LEU A 300 -23.67 2.45 -24.90
CA LEU A 300 -23.49 1.52 -26.01
C LEU A 300 -24.03 2.14 -27.30
N GLY A 301 -24.85 3.19 -27.14
CA GLY A 301 -25.44 3.86 -28.28
C GLY A 301 -24.56 4.90 -28.93
N GLU A 302 -25.10 5.56 -29.96
CA GLU A 302 -24.41 6.60 -30.72
C GLU A 302 -23.72 7.64 -29.84
N GLU A 303 -24.37 7.99 -28.73
CA GLU A 303 -23.82 8.98 -27.81
C GLU A 303 -22.42 8.55 -27.37
N GLY A 304 -22.23 7.25 -27.21
CA GLY A 304 -20.95 6.71 -26.82
C GLY A 304 -19.98 6.81 -27.98
N ASP A 305 -20.47 6.49 -29.18
CA ASP A 305 -19.65 6.54 -30.39
C ASP A 305 -19.14 7.96 -30.65
N VAL A 306 -19.98 8.95 -30.36
CA VAL A 306 -19.62 10.35 -30.56
C VAL A 306 -18.45 10.73 -29.66
N LEU A 307 -18.53 10.32 -28.40
CA LEU A 307 -17.48 10.60 -27.42
C LEU A 307 -16.18 9.93 -27.84
N ARG A 308 -16.26 8.61 -28.04
CA ARG A 308 -15.13 7.79 -28.43
C ARG A 308 -14.29 8.38 -29.56
N LYS A 309 -14.95 8.80 -30.65
CA LYS A 309 -14.27 9.39 -31.80
C LYS A 309 -13.67 10.75 -31.50
N ALA A 310 -14.47 11.60 -30.84
CA ALA A 310 -14.04 12.94 -30.50
C ALA A 310 -12.86 12.94 -29.52
N GLY A 311 -12.92 12.03 -28.55
CA GLY A 311 -11.87 11.93 -27.55
C GLY A 311 -10.70 11.08 -28.02
N MET A 312 -10.96 10.31 -29.07
CA MET A 312 -9.96 9.42 -29.67
C MET A 312 -9.65 8.28 -28.72
N GLU A 313 -10.70 7.75 -28.09
CA GLU A 313 -10.60 6.64 -27.14
C GLU A 313 -10.30 5.32 -27.81
N PHE A 314 -9.04 5.12 -28.18
CA PHE A 314 -8.57 3.90 -28.83
C PHE A 314 -7.18 3.60 -28.30
N GLY A 315 -6.85 2.31 -28.18
CA GLY A 315 -5.55 1.92 -27.69
C GLY A 315 -4.42 2.55 -28.50
N THR A 316 -3.43 3.09 -27.81
CA THR A 316 -2.31 3.74 -28.48
C THR A 316 -1.52 2.73 -29.32
N THR A 317 -1.58 1.46 -28.93
CA THR A 317 -0.88 0.40 -29.64
C THR A 317 -1.87 -0.54 -30.33
N THR A 318 -2.88 -0.96 -29.58
CA THR A 318 -3.91 -1.87 -30.08
C THR A 318 -5.03 -1.24 -30.90
N GLY A 319 -5.18 0.08 -30.82
CA GLY A 319 -6.22 0.77 -31.56
C GLY A 319 -7.64 0.36 -31.20
N ARG A 320 -7.78 -0.47 -30.16
CA ARG A 320 -9.09 -0.92 -29.72
C ARG A 320 -9.84 0.18 -28.99
N PRO A 321 -11.13 0.34 -29.29
CA PRO A 321 -12.01 1.34 -28.70
C PRO A 321 -12.29 1.11 -27.22
N ARG A 322 -12.06 2.15 -26.42
CA ARG A 322 -12.31 2.05 -24.99
C ARG A 322 -13.81 2.29 -24.78
N ARG A 323 -14.41 1.51 -23.89
CA ARG A 323 -15.85 1.65 -23.62
C ARG A 323 -16.02 3.04 -23.03
N CYS A 324 -17.13 3.70 -23.34
CA CYS A 324 -17.36 5.05 -22.82
C CYS A 324 -18.67 5.20 -22.08
N GLY A 325 -18.83 6.36 -21.44
CA GLY A 325 -20.03 6.63 -20.68
C GLY A 325 -20.05 8.02 -20.06
N TRP A 326 -21.12 8.32 -19.32
CA TRP A 326 -21.28 9.61 -18.66
C TRP A 326 -20.42 9.66 -17.40
N LEU A 327 -20.13 10.87 -16.94
CA LEU A 327 -19.34 11.03 -15.72
C LEU A 327 -20.10 10.44 -14.53
N ASP A 328 -19.44 9.53 -13.81
CA ASP A 328 -20.03 8.88 -12.64
C ASP A 328 -19.64 9.64 -11.37
N ILE A 329 -20.59 10.39 -10.83
CA ILE A 329 -20.35 11.16 -9.62
C ILE A 329 -20.35 10.29 -8.37
N VAL A 330 -21.11 9.20 -8.40
CA VAL A 330 -21.15 8.28 -7.26
C VAL A 330 -19.74 7.79 -6.99
N ALA A 331 -19.13 7.19 -8.01
CA ALA A 331 -17.77 6.67 -7.92
C ALA A 331 -16.78 7.78 -7.64
N LEU A 332 -16.99 8.93 -8.26
CA LEU A 332 -16.08 10.06 -8.07
C LEU A 332 -16.09 10.54 -6.63
N LYS A 333 -17.28 10.72 -6.07
CA LYS A 333 -17.42 11.20 -4.70
C LYS A 333 -16.73 10.22 -3.78
N TYR A 334 -16.98 8.93 -4.01
CA TYR A 334 -16.39 7.82 -3.25
C TYR A 334 -14.88 7.89 -3.36
N CYS A 335 -14.39 8.16 -4.57
CA CYS A 335 -12.96 8.27 -4.81
C CYS A 335 -12.38 9.50 -4.13
N CYS A 336 -13.12 10.60 -4.13
CA CYS A 336 -12.68 11.83 -3.49
C CYS A 336 -12.38 11.63 -2.03
N ASP A 337 -13.24 10.88 -1.34
CA ASP A 337 -13.06 10.61 0.07
C ASP A 337 -11.78 9.83 0.33
N ILE A 338 -11.62 8.73 -0.41
CA ILE A 338 -10.45 7.85 -0.30
C ILE A 338 -9.11 8.55 -0.40
N ASN A 339 -9.01 9.52 -1.31
CA ASN A 339 -7.75 10.23 -1.51
C ASN A 339 -7.67 11.56 -0.78
N GLY A 340 -8.79 12.26 -0.68
CA GLY A 340 -8.79 13.55 -0.02
C GLY A 340 -8.19 14.58 -0.95
N PHE A 341 -8.79 14.73 -2.13
CA PHE A 341 -8.33 15.67 -3.14
C PHE A 341 -8.53 17.11 -2.69
N SER A 342 -7.51 17.94 -2.89
CA SER A 342 -7.61 19.36 -2.54
C SER A 342 -8.43 20.05 -3.64
N SER A 343 -8.15 19.69 -4.89
CA SER A 343 -8.85 20.25 -6.03
C SER A 343 -9.07 19.18 -7.08
N LEU A 344 -9.42 19.59 -8.29
CA LEU A 344 -9.66 18.66 -9.39
C LEU A 344 -9.27 19.28 -10.72
N ASN A 345 -8.99 18.41 -11.69
CA ASN A 345 -8.63 18.82 -13.03
C ASN A 345 -9.64 18.14 -13.94
N LEU A 346 -10.62 18.90 -14.40
CA LEU A 346 -11.65 18.37 -15.28
C LEU A 346 -11.10 18.40 -16.70
N THR A 347 -10.69 17.24 -17.19
CA THR A 347 -10.12 17.14 -18.53
C THR A 347 -11.10 16.84 -19.65
N LYS A 348 -10.58 16.92 -20.87
CA LYS A 348 -11.33 16.67 -22.09
C LYS A 348 -12.74 17.24 -22.13
N LEU A 349 -12.87 18.52 -21.78
CA LEU A 349 -14.19 19.17 -21.77
C LEU A 349 -14.60 19.48 -23.20
N ASP A 350 -13.60 19.66 -24.07
CA ASP A 350 -13.83 19.97 -25.48
C ASP A 350 -14.50 18.82 -26.24
N VAL A 351 -14.46 17.63 -25.65
CA VAL A 351 -15.06 16.44 -26.26
C VAL A 351 -16.58 16.43 -26.11
N LEU A 352 -17.09 17.14 -25.11
CA LEU A 352 -18.54 17.20 -24.88
C LEU A 352 -19.27 18.16 -25.81
N SER A 353 -18.52 18.92 -26.59
CA SER A 353 -19.10 19.87 -27.53
C SER A 353 -19.96 19.09 -28.53
N GLY A 354 -21.10 19.66 -28.88
CA GLY A 354 -22.00 19.01 -29.84
C GLY A 354 -23.11 18.21 -29.20
N LEU A 355 -22.95 17.84 -27.93
CA LEU A 355 -23.99 17.06 -27.26
C LEU A 355 -25.10 17.96 -26.73
N PRO A 356 -26.33 17.72 -27.18
CA PRO A 356 -27.52 18.48 -26.78
C PRO A 356 -27.81 18.32 -25.29
N GLU A 357 -27.57 17.11 -24.78
CA GLU A 357 -27.79 16.79 -23.38
C GLU A 357 -26.59 16.03 -22.85
N ILE A 358 -26.21 16.33 -21.61
CA ILE A 358 -25.11 15.66 -20.94
C ILE A 358 -25.57 15.22 -19.55
N LYS A 359 -25.69 13.91 -19.38
CA LYS A 359 -26.15 13.33 -18.11
C LYS A 359 -25.03 13.08 -17.10
N LEU A 360 -25.40 13.04 -15.82
CA LEU A 360 -24.45 12.79 -14.73
C LEU A 360 -25.00 11.73 -13.78
N GLY A 361 -24.21 10.68 -13.53
CA GLY A 361 -24.63 9.65 -12.62
C GLY A 361 -24.56 10.20 -11.21
N VAL A 362 -25.71 10.43 -10.58
CA VAL A 362 -25.75 10.98 -9.24
C VAL A 362 -26.10 9.94 -8.18
N SER A 363 -27.21 9.24 -8.36
CA SER A 363 -27.64 8.22 -7.40
C SER A 363 -27.46 6.79 -7.92
N TYR A 364 -27.55 5.84 -7.02
CA TYR A 364 -27.42 4.42 -7.34
C TYR A 364 -28.59 3.68 -6.72
N ASN A 365 -29.45 3.09 -7.54
CA ASN A 365 -30.60 2.35 -7.04
C ASN A 365 -30.41 0.84 -7.14
N GLN A 366 -31.02 0.11 -6.21
CA GLN A 366 -30.94 -1.35 -6.20
C GLN A 366 -31.78 -1.94 -7.33
N MET A 367 -31.64 -3.25 -7.56
CA MET A 367 -32.40 -3.92 -8.61
C MET A 367 -33.91 -3.78 -8.39
N ASP A 368 -34.27 -3.42 -7.16
CA ASP A 368 -35.67 -3.23 -6.79
C ASP A 368 -36.05 -1.76 -6.70
N GLY A 369 -35.15 -0.93 -6.17
CA GLY A 369 -35.42 0.49 -6.06
C GLY A 369 -34.99 1.14 -4.76
N GLU A 370 -33.93 0.62 -4.15
CA GLU A 370 -33.43 1.18 -2.89
C GLU A 370 -32.12 1.94 -3.10
N LYS A 371 -32.13 3.22 -2.73
CA LYS A 371 -30.96 4.08 -2.87
C LYS A 371 -29.79 3.64 -1.98
N LEU A 372 -28.61 3.49 -2.59
CA LEU A 372 -27.41 3.09 -1.87
C LEU A 372 -26.69 4.30 -1.29
N GLN A 373 -26.23 4.17 -0.06
CA GLN A 373 -25.51 5.25 0.62
C GLN A 373 -24.06 5.33 0.17
N SER A 374 -23.53 4.22 -0.33
CA SER A 374 -22.14 4.17 -0.77
C SER A 374 -21.90 3.31 -2.01
N PHE A 375 -20.74 3.52 -2.62
CA PHE A 375 -20.32 2.80 -3.81
C PHE A 375 -20.09 1.32 -3.46
N PRO A 376 -20.71 0.40 -4.24
CA PRO A 376 -20.62 -1.05 -4.05
C PRO A 376 -19.23 -1.65 -4.21
N GLY A 377 -18.90 -2.57 -3.30
CA GLY A 377 -17.62 -3.25 -3.33
C GLY A 377 -17.65 -4.37 -4.34
N ASP A 378 -18.49 -5.37 -4.08
CA ASP A 378 -18.64 -6.54 -4.95
C ASP A 378 -19.29 -6.22 -6.31
N LEU A 379 -18.80 -6.88 -7.35
CA LEU A 379 -19.33 -6.67 -8.70
C LEU A 379 -20.76 -7.18 -8.83
N ASP A 380 -21.11 -8.18 -8.02
CA ASP A 380 -22.46 -8.76 -8.06
C ASP A 380 -23.55 -7.70 -7.93
N THR A 381 -23.40 -6.83 -6.96
CA THR A 381 -24.36 -5.75 -6.73
C THR A 381 -24.14 -4.59 -7.70
N LEU A 382 -22.87 -4.30 -8.00
CA LEU A 382 -22.51 -3.21 -8.91
C LEU A 382 -22.97 -3.38 -10.35
N GLU A 383 -22.87 -4.61 -10.86
CA GLU A 383 -23.26 -4.90 -12.24
C GLU A 383 -24.77 -4.96 -12.39
N GLN A 384 -25.49 -4.79 -11.29
CA GLN A 384 -26.95 -4.86 -11.32
C GLN A 384 -27.59 -3.63 -10.69
N VAL A 385 -27.04 -2.45 -10.99
CA VAL A 385 -27.59 -1.20 -10.44
C VAL A 385 -28.38 -0.37 -11.45
N GLN A 386 -29.28 0.46 -10.92
CA GLN A 386 -30.12 1.35 -11.72
C GLN A 386 -29.62 2.77 -11.48
N VAL A 387 -28.85 3.29 -12.43
CA VAL A 387 -28.31 4.65 -12.30
C VAL A 387 -29.38 5.72 -12.45
N ASN A 388 -29.26 6.77 -11.63
CA ASN A 388 -30.19 7.90 -11.66
C ASN A 388 -29.46 9.13 -12.17
N TYR A 389 -29.71 9.46 -13.44
CA TYR A 389 -29.06 10.61 -14.05
C TYR A 389 -29.64 11.98 -13.72
N GLU A 390 -28.95 12.99 -14.23
CA GLU A 390 -29.33 14.38 -14.04
C GLU A 390 -28.92 15.09 -15.32
N VAL A 391 -29.85 15.22 -16.26
CA VAL A 391 -29.59 15.86 -17.54
C VAL A 391 -29.33 17.36 -17.42
N LEU A 392 -28.29 17.82 -18.12
CA LEU A 392 -27.93 19.23 -18.13
C LEU A 392 -27.85 19.76 -19.55
N PRO A 393 -28.05 21.08 -19.71
CA PRO A 393 -28.01 21.70 -21.04
C PRO A 393 -26.62 21.56 -21.69
N GLY A 394 -26.60 21.03 -22.90
CA GLY A 394 -25.34 20.85 -23.62
C GLY A 394 -25.01 22.08 -24.46
N TRP A 395 -24.03 21.95 -25.33
CA TRP A 395 -23.64 23.08 -26.19
C TRP A 395 -22.97 22.63 -27.48
N ASP A 396 -23.03 23.48 -28.50
CA ASP A 396 -22.45 23.20 -29.81
C ASP A 396 -21.41 24.29 -30.09
N SER A 397 -20.22 24.14 -29.52
CA SER A 397 -19.19 25.16 -29.72
C SER A 397 -17.76 24.64 -29.48
N ASP A 398 -16.92 24.71 -30.51
CA ASP A 398 -15.53 24.28 -30.41
C ASP A 398 -14.80 25.17 -29.41
N ILE A 399 -14.46 24.59 -28.26
CA ILE A 399 -13.78 25.34 -27.21
C ILE A 399 -12.29 25.04 -27.06
N SER A 400 -11.72 24.31 -28.00
CA SER A 400 -10.30 23.96 -27.94
C SER A 400 -9.38 25.19 -28.04
N SER A 401 -9.98 26.38 -28.02
CA SER A 401 -9.22 27.61 -28.12
C SER A 401 -9.36 28.52 -26.90
N VAL A 402 -10.36 28.24 -26.08
CA VAL A 402 -10.63 29.02 -24.87
C VAL A 402 -9.53 28.85 -23.82
N ARG A 403 -8.87 29.95 -23.46
CA ARG A 403 -7.81 29.88 -22.45
C ARG A 403 -8.25 30.46 -21.10
N SER A 404 -9.19 31.41 -21.12
CA SER A 404 -9.70 32.01 -19.90
C SER A 404 -11.00 31.33 -19.47
N TYR A 405 -11.32 31.38 -18.17
CA TYR A 405 -12.53 30.74 -17.67
C TYR A 405 -13.83 31.42 -18.10
N SER A 406 -13.86 32.74 -18.04
CA SER A 406 -15.03 33.51 -18.40
C SER A 406 -15.44 33.36 -19.87
N GLU A 407 -14.50 32.98 -20.72
CA GLU A 407 -14.74 32.81 -22.15
C GLU A 407 -15.53 31.55 -22.50
N LEU A 408 -15.74 30.68 -21.51
CA LEU A 408 -16.47 29.44 -21.73
C LEU A 408 -17.98 29.68 -21.84
N PRO A 409 -18.69 28.76 -22.51
CA PRO A 409 -20.14 28.86 -22.68
C PRO A 409 -20.81 28.77 -21.31
N GLN A 410 -21.98 29.37 -21.17
CA GLN A 410 -22.70 29.36 -19.92
C GLN A 410 -23.07 27.95 -19.49
N ALA A 411 -23.44 27.11 -20.46
CA ALA A 411 -23.82 25.74 -20.18
C ALA A 411 -22.63 24.87 -19.78
N ALA A 412 -21.45 25.26 -20.24
CA ALA A 412 -20.22 24.52 -19.92
C ALA A 412 -19.73 24.88 -18.53
N ARG A 413 -19.81 26.16 -18.18
CA ARG A 413 -19.39 26.63 -16.88
C ARG A 413 -20.32 26.02 -15.82
N ARG A 414 -21.61 25.99 -16.13
CA ARG A 414 -22.61 25.41 -15.25
C ARG A 414 -22.29 23.94 -15.01
N TYR A 415 -21.66 23.31 -16.00
CA TYR A 415 -21.29 21.91 -15.90
C TYR A 415 -20.23 21.65 -14.84
N VAL A 416 -19.09 22.32 -14.95
CA VAL A 416 -18.02 22.12 -13.97
C VAL A 416 -18.51 22.46 -12.57
N GLU A 417 -19.29 23.53 -12.48
CA GLU A 417 -19.83 24.00 -11.21
C GLU A 417 -20.74 22.99 -10.54
N ARG A 418 -21.55 22.29 -11.33
CA ARG A 418 -22.46 21.30 -10.77
C ARG A 418 -21.65 20.11 -10.28
N ILE A 419 -20.53 19.86 -10.94
CA ILE A 419 -19.64 18.76 -10.57
C ILE A 419 -18.97 19.08 -9.25
N GLU A 420 -18.24 20.19 -9.20
CA GLU A 420 -17.54 20.60 -7.99
C GLU A 420 -18.50 20.77 -6.82
N GLU A 421 -19.78 20.89 -7.13
CA GLU A 421 -20.79 21.05 -6.11
C GLU A 421 -21.14 19.69 -5.53
N LEU A 422 -21.42 18.73 -6.42
CA LEU A 422 -21.78 17.38 -6.01
C LEU A 422 -20.59 16.59 -5.46
N ALA A 423 -19.42 16.83 -6.03
CA ALA A 423 -18.19 16.16 -5.61
C ALA A 423 -17.65 16.75 -4.32
N GLY A 424 -17.95 18.03 -4.07
CA GLY A 424 -17.48 18.68 -2.87
C GLY A 424 -16.13 19.36 -3.03
N VAL A 425 -15.33 18.89 -3.98
CA VAL A 425 -14.01 19.47 -4.21
C VAL A 425 -14.04 20.39 -5.43
N PRO A 426 -13.44 21.59 -5.29
CA PRO A 426 -13.39 22.57 -6.38
C PRO A 426 -12.56 22.15 -7.58
N VAL A 427 -12.84 22.75 -8.72
CA VAL A 427 -12.10 22.46 -9.95
C VAL A 427 -11.15 23.62 -10.15
N HIS A 428 -9.87 23.32 -10.31
CA HIS A 428 -8.85 24.34 -10.51
C HIS A 428 -8.27 24.29 -11.90
N TYR A 429 -8.49 23.19 -12.60
CA TYR A 429 -7.96 23.04 -13.95
C TYR A 429 -9.00 22.41 -14.86
N ILE A 430 -9.14 22.97 -16.06
CA ILE A 430 -10.10 22.47 -17.03
C ILE A 430 -9.38 22.27 -18.36
N GLY A 431 -9.24 21.01 -18.76
CA GLY A 431 -8.58 20.71 -20.02
C GLY A 431 -9.51 20.78 -21.21
N VAL A 432 -9.09 21.53 -22.23
CA VAL A 432 -9.88 21.68 -23.44
C VAL A 432 -9.05 21.35 -24.68
N GLY A 433 -8.04 20.50 -24.49
CA GLY A 433 -7.18 20.11 -25.59
C GLY A 433 -5.98 19.34 -25.10
N PRO A 434 -5.39 18.47 -25.94
CA PRO A 434 -4.22 17.70 -25.54
C PRO A 434 -2.95 18.52 -25.37
N GLY A 435 -2.92 19.70 -25.98
CA GLY A 435 -1.76 20.56 -25.91
C GLY A 435 -1.39 21.08 -24.53
N ARG A 436 -0.10 21.34 -24.33
CA ARG A 436 0.42 21.85 -23.05
C ARG A 436 -0.24 23.19 -22.72
N ASP A 437 -0.57 23.94 -23.77
CA ASP A 437 -1.18 25.25 -23.65
C ASP A 437 -2.69 25.21 -23.38
N ALA A 438 -3.33 24.14 -23.84
CA ALA A 438 -4.78 23.99 -23.71
C ALA A 438 -5.34 23.68 -22.32
N LEU A 439 -5.09 24.56 -21.36
CA LEU A 439 -5.58 24.37 -19.99
C LEU A 439 -6.10 25.67 -19.38
N ILE A 440 -7.31 25.61 -18.82
CA ILE A 440 -7.95 26.77 -18.20
C ILE A 440 -7.81 26.72 -16.67
N TYR A 441 -7.49 27.86 -16.06
CA TYR A 441 -7.34 27.93 -14.61
C TYR A 441 -8.54 28.59 -13.95
N LYS A 442 -9.13 27.89 -12.99
CA LYS A 442 -10.29 28.38 -12.26
C LYS A 442 -9.90 28.66 -10.80
N ALA B 11 0.41 16.59 31.39
CA ALA B 11 0.76 15.44 30.51
C ALA B 11 -0.50 14.72 30.02
N ASP B 12 -1.43 15.48 29.46
CA ASP B 12 -2.68 14.91 28.95
C ASP B 12 -2.50 14.38 27.52
N ARG B 13 -1.62 13.40 27.38
CA ARG B 13 -1.33 12.77 26.10
C ARG B 13 -2.55 12.04 25.54
N VAL B 14 -3.37 11.47 26.43
CA VAL B 14 -4.57 10.74 26.02
C VAL B 14 -5.60 11.63 25.33
N SER B 15 -5.66 12.90 25.74
CA SER B 15 -6.61 13.86 25.18
C SER B 15 -5.97 14.81 24.15
N SER B 16 -4.71 14.56 23.82
CA SER B 16 -3.99 15.39 22.85
C SER B 16 -4.10 14.83 21.44
N LEU B 17 -4.40 13.54 21.36
CA LEU B 17 -4.53 12.83 20.08
C LEU B 17 -5.61 13.36 19.15
N SER B 18 -5.35 13.31 17.85
CA SER B 18 -6.29 13.81 16.85
C SER B 18 -7.46 12.90 16.49
N ASN B 19 -8.38 13.47 15.71
CA ASN B 19 -9.58 12.78 15.24
C ASN B 19 -9.22 11.35 14.79
N VAL B 20 -8.13 11.25 14.03
CA VAL B 20 -7.66 9.97 13.52
C VAL B 20 -6.20 9.73 13.87
N SER B 21 -5.95 8.96 14.93
CA SER B 21 -4.59 8.65 15.34
C SER B 21 -4.26 7.18 15.06
N GLY B 22 -3.00 6.79 15.30
CA GLY B 22 -2.59 5.42 15.05
C GLY B 22 -1.31 5.00 15.75
N VAL B 23 -1.23 3.73 16.11
CA VAL B 23 -0.06 3.16 16.79
C VAL B 23 0.71 2.24 15.81
N LEU B 24 1.99 2.50 15.61
CA LEU B 24 2.78 1.68 14.68
C LEU B 24 4.07 1.12 15.29
N GLY B 25 4.43 -0.10 14.93
CA GLY B 25 5.66 -0.69 15.45
C GLY B 25 6.83 -0.15 14.63
N SER B 26 7.91 0.25 15.29
CA SER B 26 9.04 0.81 14.58
C SER B 26 10.26 -0.08 14.41
N GLN B 27 10.21 -1.28 14.95
CA GLN B 27 11.36 -2.18 14.85
C GLN B 27 10.98 -3.45 14.10
N TRP B 28 11.26 -4.59 14.69
CA TRP B 28 10.90 -5.87 14.09
C TRP B 28 10.09 -6.55 15.15
N GLY B 29 9.37 -7.59 14.77
CA GLY B 29 8.59 -8.33 15.74
C GLY B 29 7.63 -7.57 16.63
N ASP B 30 7.44 -8.11 17.82
CA ASP B 30 6.50 -7.61 18.80
C ASP B 30 7.02 -6.55 19.78
N GLU B 31 6.60 -5.29 19.62
CA GLU B 31 7.05 -4.25 20.52
C GLU B 31 6.05 -3.97 21.65
N GLY B 32 4.85 -4.55 21.55
CA GLY B 32 3.85 -4.33 22.57
C GLY B 32 2.91 -3.20 22.25
N LYS B 33 2.54 -3.09 20.98
CA LYS B 33 1.63 -2.04 20.52
C LYS B 33 0.27 -2.21 21.18
N GLY B 34 -0.23 -3.45 21.17
CA GLY B 34 -1.52 -3.77 21.76
C GLY B 34 -1.75 -3.14 23.11
N LYS B 35 -0.77 -3.25 24.00
CA LYS B 35 -0.88 -2.67 25.33
C LYS B 35 -1.27 -1.19 25.24
N LEU B 36 -0.56 -0.45 24.41
CA LEU B 36 -0.82 0.97 24.23
C LEU B 36 -2.22 1.21 23.66
N VAL B 37 -2.58 0.42 22.66
CA VAL B 37 -3.89 0.54 22.03
C VAL B 37 -4.98 0.32 23.06
N ASP B 38 -4.77 -0.62 23.98
CA ASP B 38 -5.74 -0.94 25.01
C ASP B 38 -5.92 0.22 25.98
N VAL B 39 -4.81 0.89 26.29
CA VAL B 39 -4.83 2.02 27.20
C VAL B 39 -5.51 3.24 26.56
N LEU B 40 -5.20 3.48 25.29
CA LEU B 40 -5.74 4.62 24.56
C LEU B 40 -7.13 4.41 23.97
N ALA B 41 -7.53 3.15 23.85
CA ALA B 41 -8.81 2.77 23.28
C ALA B 41 -10.08 3.44 23.83
N PRO B 42 -10.23 3.51 25.17
CA PRO B 42 -11.43 4.14 25.75
C PRO B 42 -11.64 5.60 25.39
N ARG B 43 -10.61 6.24 24.86
CA ARG B 43 -10.69 7.64 24.44
C ARG B 43 -11.09 7.77 22.97
N PHE B 44 -11.21 6.62 22.29
CA PHE B 44 -11.58 6.60 20.88
C PHE B 44 -12.92 5.91 20.62
N ASP B 45 -13.59 6.33 19.55
CA ASP B 45 -14.87 5.75 19.17
C ASP B 45 -14.68 4.47 18.38
N ILE B 46 -13.56 4.41 17.65
CA ILE B 46 -13.23 3.25 16.82
C ILE B 46 -11.75 2.90 16.87
N VAL B 47 -11.47 1.60 16.86
CA VAL B 47 -10.09 1.09 16.82
C VAL B 47 -10.14 0.13 15.65
N ALA B 48 -9.27 0.35 14.67
CA ALA B 48 -9.26 -0.48 13.47
C ALA B 48 -7.91 -1.04 13.07
N ARG B 49 -7.93 -2.29 12.61
CA ARG B 49 -6.73 -2.98 12.16
C ARG B 49 -6.69 -2.79 10.66
N CYS B 50 -5.63 -2.19 10.14
CA CYS B 50 -5.56 -1.94 8.71
C CYS B 50 -4.83 -2.95 7.83
N GLN B 51 -3.91 -3.73 8.42
CA GLN B 51 -3.15 -4.72 7.65
C GLN B 51 -3.01 -6.06 8.37
N GLY B 52 -2.36 -7.00 7.69
CA GLY B 52 -2.11 -8.33 8.24
C GLY B 52 -3.29 -9.22 8.55
N GLY B 53 -2.97 -10.41 9.07
CA GLY B 53 -3.98 -11.38 9.43
C GLY B 53 -3.85 -11.78 10.90
N ALA B 54 -4.36 -12.95 11.24
CA ALA B 54 -4.29 -13.45 12.62
C ALA B 54 -2.89 -13.90 13.00
N ASN B 55 -1.97 -13.84 12.03
CA ASN B 55 -0.57 -14.22 12.23
C ASN B 55 0.10 -13.46 13.38
N ALA B 56 -0.37 -12.25 13.65
CA ALA B 56 0.18 -11.42 14.71
C ALA B 56 -0.18 -11.98 16.09
N GLY B 57 -0.64 -11.11 16.98
CA GLY B 57 -0.99 -11.56 18.32
C GLY B 57 -0.64 -10.53 19.36
N HIS B 58 -1.61 -9.68 19.67
CA HIS B 58 -1.41 -8.62 20.67
C HIS B 58 -1.79 -9.16 22.05
N THR B 59 -0.94 -8.92 23.04
CA THR B 59 -1.21 -9.39 24.40
C THR B 59 -1.51 -8.21 25.32
N ILE B 60 -2.73 -8.18 25.86
CA ILE B 60 -3.18 -7.10 26.75
C ILE B 60 -3.82 -7.64 28.04
N TYR B 61 -3.84 -6.82 29.09
CA TYR B 61 -4.42 -7.22 30.37
C TYR B 61 -5.44 -6.19 30.85
N ASN B 62 -6.57 -6.67 31.38
CA ASN B 62 -7.62 -5.78 31.87
C ASN B 62 -7.31 -5.22 33.27
N SER B 63 -8.34 -4.74 33.94
CA SER B 63 -8.24 -4.17 35.27
C SER B 63 -7.85 -5.21 36.33
N GLU B 64 -8.50 -6.38 36.27
CA GLU B 64 -8.25 -7.48 37.20
C GLU B 64 -6.93 -8.21 36.93
N GLY B 65 -6.28 -7.88 35.83
CA GLY B 65 -5.02 -8.50 35.48
C GLY B 65 -5.19 -9.78 34.67
N LYS B 66 -6.32 -9.89 33.97
CA LYS B 66 -6.60 -11.07 33.14
C LYS B 66 -5.88 -10.96 31.79
N LYS B 67 -5.20 -12.04 31.40
CA LYS B 67 -4.46 -12.06 30.16
C LYS B 67 -5.36 -12.32 28.94
N PHE B 68 -5.13 -11.54 27.88
CA PHE B 68 -5.87 -11.64 26.64
C PHE B 68 -4.90 -11.63 25.47
N ALA B 69 -5.06 -12.58 24.55
CA ALA B 69 -4.20 -12.65 23.38
C ALA B 69 -5.03 -12.55 22.11
N LEU B 70 -5.01 -11.36 21.51
CA LEU B 70 -5.76 -11.10 20.29
C LEU B 70 -4.97 -11.47 19.05
N HIS B 71 -5.67 -11.68 17.94
CA HIS B 71 -5.03 -12.06 16.69
C HIS B 71 -5.46 -11.09 15.59
N LEU B 72 -6.75 -11.12 15.26
CA LEU B 72 -7.32 -10.25 14.25
C LEU B 72 -8.05 -9.08 14.90
N VAL B 73 -8.80 -9.39 15.95
CA VAL B 73 -9.56 -8.37 16.67
C VAL B 73 -8.65 -7.29 17.28
N PRO B 74 -9.00 -6.02 17.08
CA PRO B 74 -8.21 -4.90 17.61
C PRO B 74 -8.24 -4.94 19.13
N SER B 75 -7.21 -4.41 19.76
CA SER B 75 -7.11 -4.40 21.22
C SER B 75 -8.15 -3.55 21.96
N GLY B 76 -8.89 -2.72 21.22
CA GLY B 76 -9.90 -1.89 21.85
C GLY B 76 -11.17 -2.66 22.19
N ILE B 77 -11.18 -3.95 21.88
CA ILE B 77 -12.33 -4.82 22.11
C ILE B 77 -12.74 -4.96 23.58
N LEU B 78 -11.87 -4.56 24.51
CA LEU B 78 -12.20 -4.68 25.93
C LEU B 78 -13.00 -3.52 26.49
N HIS B 79 -13.35 -2.56 25.64
CA HIS B 79 -14.12 -1.39 26.07
C HIS B 79 -15.48 -1.32 25.38
N GLU B 80 -16.53 -1.24 26.17
CA GLU B 80 -17.92 -1.19 25.69
C GLU B 80 -18.25 -0.15 24.62
N GLY B 81 -17.93 1.11 24.89
CA GLY B 81 -18.23 2.17 23.95
C GLY B 81 -17.26 2.28 22.78
N THR B 82 -16.53 1.20 22.50
CA THR B 82 -15.57 1.19 21.41
C THR B 82 -15.94 0.16 20.33
N LEU B 83 -15.86 0.60 19.08
CA LEU B 83 -16.16 -0.27 17.96
C LEU B 83 -14.88 -0.71 17.26
N CYS B 84 -14.67 -2.01 17.19
CA CYS B 84 -13.49 -2.55 16.54
C CYS B 84 -13.78 -2.78 15.06
N VAL B 85 -12.82 -2.45 14.21
CA VAL B 85 -13.00 -2.61 12.77
C VAL B 85 -11.81 -3.32 12.12
N VAL B 86 -12.10 -4.27 11.25
CA VAL B 86 -11.07 -5.00 10.52
C VAL B 86 -11.10 -4.47 9.09
N GLY B 87 -10.19 -3.55 8.79
CA GLY B 87 -10.12 -2.94 7.46
C GLY B 87 -9.94 -3.84 6.23
N ASN B 88 -10.09 -3.22 5.06
CA ASN B 88 -9.95 -3.90 3.78
C ASN B 88 -8.54 -4.38 3.48
N GLY B 89 -7.57 -3.83 4.19
CA GLY B 89 -6.19 -4.23 3.97
C GLY B 89 -5.89 -5.56 4.61
N ALA B 90 -6.73 -5.98 5.55
CA ALA B 90 -6.56 -7.25 6.24
C ALA B 90 -6.88 -8.48 5.40
N VAL B 91 -6.61 -9.64 5.99
CA VAL B 91 -6.87 -10.94 5.37
C VAL B 91 -7.51 -11.78 6.47
N ILE B 92 -8.68 -12.34 6.18
CA ILE B 92 -9.40 -13.10 7.19
C ILE B 92 -9.50 -14.60 7.02
N HIS B 93 -8.96 -15.33 7.98
CA HIS B 93 -9.04 -16.79 7.98
C HIS B 93 -10.29 -17.06 8.82
N VAL B 94 -11.45 -17.01 8.16
CA VAL B 94 -12.75 -17.19 8.82
C VAL B 94 -12.86 -18.27 9.91
N PRO B 95 -12.29 -19.46 9.68
CA PRO B 95 -12.38 -20.50 10.72
C PRO B 95 -11.70 -20.05 12.02
N GLY B 96 -10.48 -19.56 11.89
CA GLY B 96 -9.72 -19.09 13.04
C GLY B 96 -10.37 -17.88 13.70
N PHE B 97 -11.01 -17.04 12.88
CA PHE B 97 -11.69 -15.84 13.36
C PHE B 97 -12.79 -16.20 14.35
N PHE B 98 -13.70 -17.06 13.93
CA PHE B 98 -14.79 -17.49 14.79
C PHE B 98 -14.29 -18.19 16.05
N GLY B 99 -13.17 -18.91 15.92
CA GLY B 99 -12.59 -19.58 17.05
C GLY B 99 -12.13 -18.55 18.06
N GLU B 100 -11.64 -17.43 17.54
CA GLU B 100 -11.16 -16.31 18.36
C GLU B 100 -12.36 -15.63 19.03
N ILE B 101 -13.47 -15.53 18.28
CA ILE B 101 -14.69 -14.91 18.78
C ILE B 101 -15.27 -15.75 19.90
N ASP B 102 -15.34 -17.06 19.68
CA ASP B 102 -15.86 -18.00 20.67
C ASP B 102 -15.04 -17.95 21.94
N GLY B 103 -13.72 -17.79 21.80
CA GLY B 103 -12.84 -17.71 22.94
C GLY B 103 -13.02 -16.43 23.74
N LEU B 104 -13.55 -15.39 23.10
CA LEU B 104 -13.78 -14.11 23.76
C LEU B 104 -15.15 -14.10 24.43
N GLN B 105 -16.11 -14.74 23.78
CA GLN B 105 -17.48 -14.83 24.29
C GLN B 105 -17.53 -15.64 25.59
N SER B 106 -16.67 -16.66 25.69
CA SER B 106 -16.61 -17.50 26.88
C SER B 106 -15.94 -16.79 28.04
N ASN B 107 -15.13 -15.79 27.73
CA ASN B 107 -14.45 -15.00 28.75
C ASN B 107 -15.26 -13.75 29.08
N GLY B 108 -16.57 -13.86 28.94
CA GLY B 108 -17.48 -12.78 29.24
C GLY B 108 -17.46 -11.57 28.32
N VAL B 109 -16.65 -11.59 27.27
CA VAL B 109 -16.59 -10.46 26.35
C VAL B 109 -17.49 -10.68 25.13
N SER B 110 -18.59 -9.93 25.07
CA SER B 110 -19.49 -10.05 23.93
C SER B 110 -18.86 -9.36 22.72
N CYS B 111 -19.23 -9.82 21.53
CA CYS B 111 -18.68 -9.25 20.31
C CYS B 111 -19.76 -8.81 19.34
N ASP B 112 -20.99 -9.24 19.60
CA ASP B 112 -22.12 -8.90 18.77
C ASP B 112 -22.36 -7.40 18.66
N GLY B 113 -22.22 -6.90 17.44
CA GLY B 113 -22.41 -5.49 17.19
C GLY B 113 -21.26 -4.60 17.64
N ARG B 114 -20.11 -5.19 17.92
CA ARG B 114 -18.95 -4.43 18.36
C ARG B 114 -17.73 -4.67 17.49
N ILE B 115 -17.93 -5.43 16.42
CA ILE B 115 -16.84 -5.73 15.49
C ILE B 115 -17.35 -5.69 14.06
N LEU B 116 -16.67 -4.90 13.24
CA LEU B 116 -17.02 -4.80 11.83
C LEU B 116 -15.96 -5.52 11.02
N VAL B 117 -16.41 -6.19 9.97
CA VAL B 117 -15.52 -6.92 9.08
C VAL B 117 -15.66 -6.36 7.67
N SER B 118 -14.60 -5.74 7.19
CA SER B 118 -14.57 -5.13 5.86
C SER B 118 -15.00 -6.08 4.77
N ASP B 119 -16.00 -5.67 4.01
CA ASP B 119 -16.50 -6.47 2.91
C ASP B 119 -15.43 -6.61 1.81
N ARG B 120 -14.51 -5.65 1.76
CA ARG B 120 -13.45 -5.67 0.76
C ARG B 120 -12.18 -6.40 1.23
N ALA B 121 -12.21 -6.96 2.42
CA ALA B 121 -11.06 -7.69 2.95
C ALA B 121 -11.00 -9.08 2.31
N HIS B 122 -9.81 -9.49 1.91
CA HIS B 122 -9.65 -10.80 1.27
C HIS B 122 -9.78 -11.98 2.21
N LEU B 123 -10.00 -13.16 1.61
CA LEU B 123 -10.16 -14.40 2.38
C LEU B 123 -8.96 -15.33 2.37
N LEU B 124 -8.58 -15.75 3.57
CA LEU B 124 -7.47 -16.68 3.77
C LEU B 124 -8.07 -18.05 4.09
N PHE B 125 -8.02 -18.95 3.11
CA PHE B 125 -8.56 -20.29 3.26
C PHE B 125 -7.50 -21.26 3.77
N ASP B 126 -7.95 -22.42 4.24
CA ASP B 126 -7.02 -23.45 4.74
C ASP B 126 -6.07 -23.78 3.59
N LEU B 127 -6.56 -23.58 2.37
CA LEU B 127 -5.80 -23.82 1.16
C LEU B 127 -4.46 -23.09 1.21
N HIS B 128 -4.51 -21.77 1.43
CA HIS B 128 -3.29 -20.98 1.49
C HIS B 128 -2.35 -21.53 2.57
N GLN B 129 -2.92 -22.01 3.68
CA GLN B 129 -2.14 -22.57 4.77
C GLN B 129 -1.34 -23.79 4.30
N THR B 130 -2.01 -24.73 3.64
CA THR B 130 -1.31 -25.93 3.16
C THR B 130 -0.30 -25.57 2.06
N VAL B 131 -0.66 -24.59 1.23
CA VAL B 131 0.20 -24.14 0.14
C VAL B 131 1.45 -23.49 0.70
N ASP B 132 1.27 -22.67 1.73
CA ASP B 132 2.37 -21.98 2.37
C ASP B 132 3.37 -23.02 2.83
N GLY B 133 2.84 -24.09 3.45
CA GLY B 133 3.69 -25.17 3.93
C GLY B 133 4.43 -25.91 2.83
N LEU B 134 3.73 -26.17 1.72
CA LEU B 134 4.32 -26.86 0.58
C LEU B 134 5.54 -26.13 0.04
N ARG B 135 5.48 -24.80 0.07
CA ARG B 135 6.56 -23.94 -0.40
C ARG B 135 7.88 -24.19 0.30
N GLU B 136 7.85 -24.21 1.62
CA GLU B 136 9.04 -24.41 2.43
C GLU B 136 9.56 -25.85 2.35
N ALA B 137 8.62 -26.79 2.24
CA ALA B 137 8.95 -28.21 2.16
C ALA B 137 9.93 -28.53 1.03
N GLU B 138 9.83 -27.80 -0.06
CA GLU B 138 10.70 -28.01 -1.21
C GLU B 138 11.85 -27.00 -1.27
N LEU B 139 11.68 -25.86 -0.60
CA LEU B 139 12.69 -24.80 -0.56
C LEU B 139 13.96 -25.28 0.15
N ALA B 140 14.92 -24.37 0.32
CA ALA B 140 16.19 -24.66 0.99
C ALA B 140 15.93 -25.30 2.35
N ASN B 141 14.64 -25.40 2.70
CA ASN B 141 14.13 -26.00 3.92
C ASN B 141 14.14 -25.10 5.16
N SER B 142 13.20 -24.16 5.22
CA SER B 142 13.09 -23.29 6.39
C SER B 142 12.74 -24.28 7.49
N PHE B 143 13.19 -24.06 8.73
CA PHE B 143 12.89 -25.08 9.72
C PHE B 143 12.10 -24.95 10.99
N ILE B 144 11.65 -26.14 11.39
CA ILE B 144 10.87 -26.43 12.59
C ILE B 144 9.99 -25.30 13.07
N GLY B 145 8.69 -25.44 12.82
CA GLY B 145 7.74 -24.42 13.22
C GLY B 145 6.48 -24.57 12.39
N THR B 146 5.36 -24.74 13.09
CA THR B 146 4.07 -24.89 12.44
C THR B 146 3.53 -23.52 11.96
N THR B 147 4.43 -22.68 11.46
CA THR B 147 4.09 -21.37 10.95
C THR B 147 3.39 -21.49 9.60
N LYS B 148 2.27 -22.22 9.60
CA LYS B 148 1.47 -22.46 8.40
C LYS B 148 0.59 -21.24 8.08
N ARG B 149 1.08 -20.06 8.44
CA ARG B 149 0.37 -18.82 8.18
C ARG B 149 0.33 -18.55 6.69
N GLY B 150 -0.79 -18.85 6.06
CA GLY B 150 -0.91 -18.63 4.63
C GLY B 150 -1.04 -17.16 4.24
N ILE B 151 -0.39 -16.28 5.01
CA ILE B 151 -0.43 -14.85 4.77
C ILE B 151 0.19 -14.51 3.43
N GLY B 152 1.42 -14.98 3.20
CA GLY B 152 2.11 -14.72 1.95
C GLY B 152 1.26 -15.06 0.74
N PRO B 153 0.86 -16.34 0.58
CA PRO B 153 0.04 -16.81 -0.54
C PRO B 153 -1.30 -16.08 -0.71
N CYS B 154 -1.94 -15.68 0.39
CA CYS B 154 -3.21 -14.99 0.32
C CYS B 154 -3.08 -13.64 -0.35
N TYR B 155 -2.07 -12.86 0.07
CA TYR B 155 -1.82 -11.56 -0.50
C TYR B 155 -1.43 -11.70 -1.96
N SER B 156 -0.91 -12.88 -2.30
CA SER B 156 -0.51 -13.20 -3.66
C SER B 156 -1.78 -13.37 -4.50
N SER B 157 -2.74 -14.12 -3.97
CA SER B 157 -4.01 -14.35 -4.65
C SER B 157 -4.66 -13.00 -4.93
N LYS B 158 -4.52 -12.09 -3.98
CA LYS B 158 -5.05 -10.73 -4.06
C LYS B 158 -4.42 -9.99 -5.22
N VAL B 159 -3.09 -9.95 -5.21
CA VAL B 159 -2.33 -9.31 -6.27
C VAL B 159 -2.68 -9.94 -7.61
N THR B 160 -2.86 -11.25 -7.60
CA THR B 160 -3.20 -12.01 -8.80
C THR B 160 -4.65 -11.71 -9.20
N ARG B 161 -5.42 -11.19 -8.24
CA ARG B 161 -6.82 -10.84 -8.46
C ARG B 161 -7.75 -12.02 -8.65
N ASN B 162 -7.27 -13.22 -8.31
CA ASN B 162 -8.10 -14.42 -8.43
C ASN B 162 -8.59 -14.92 -7.07
N GLY B 163 -8.22 -14.19 -6.01
CA GLY B 163 -8.64 -14.55 -4.67
C GLY B 163 -10.03 -14.03 -4.36
N LEU B 164 -10.62 -14.55 -3.29
CA LEU B 164 -11.96 -14.12 -2.91
C LEU B 164 -11.94 -13.10 -1.79
N ARG B 165 -13.04 -12.36 -1.66
CA ARG B 165 -13.17 -11.34 -0.63
C ARG B 165 -14.43 -11.60 0.21
N VAL B 166 -14.57 -10.89 1.31
CA VAL B 166 -15.72 -11.04 2.22
C VAL B 166 -17.08 -10.89 1.54
N CYS B 167 -17.18 -10.00 0.55
CA CYS B 167 -18.43 -9.77 -0.15
C CYS B 167 -18.95 -11.01 -0.88
N ASP B 168 -18.02 -11.89 -1.28
CA ASP B 168 -18.36 -13.12 -2.01
C ASP B 168 -19.25 -14.08 -1.22
N LEU B 169 -19.18 -14.02 0.10
CA LEU B 169 -19.97 -14.89 0.96
C LEU B 169 -21.46 -14.56 0.91
N ARG B 170 -21.78 -13.40 0.35
CA ARG B 170 -23.17 -12.96 0.21
C ARG B 170 -23.78 -13.53 -1.06
N HIS B 171 -22.92 -14.13 -1.90
CA HIS B 171 -23.33 -14.73 -3.16
C HIS B 171 -22.68 -16.11 -3.26
N MET B 172 -23.18 -17.04 -2.44
CA MET B 172 -22.67 -18.40 -2.41
C MET B 172 -22.89 -19.12 -3.75
N ASP B 173 -23.81 -18.56 -4.54
CA ASP B 173 -24.16 -19.10 -5.84
C ASP B 173 -22.91 -19.18 -6.70
N THR B 174 -22.23 -18.04 -6.83
CA THR B 174 -21.01 -17.94 -7.61
C THR B 174 -19.76 -18.26 -6.78
N PHE B 175 -19.89 -18.25 -5.46
CA PHE B 175 -18.77 -18.55 -4.58
C PHE B 175 -18.13 -19.87 -4.98
N GLY B 176 -18.95 -20.85 -5.35
CA GLY B 176 -18.45 -22.14 -5.76
C GLY B 176 -17.43 -22.08 -6.88
N ASP B 177 -17.85 -21.56 -8.03
CA ASP B 177 -16.99 -21.45 -9.20
C ASP B 177 -15.91 -20.37 -9.08
N LYS B 178 -15.93 -19.64 -7.97
CA LYS B 178 -14.93 -18.61 -7.73
C LYS B 178 -13.84 -19.20 -6.83
N LEU B 179 -14.22 -20.16 -6.00
CA LEU B 179 -13.28 -20.81 -5.09
C LEU B 179 -12.48 -21.92 -5.78
N ASP B 180 -13.15 -22.68 -6.62
CA ASP B 180 -12.48 -23.77 -7.32
C ASP B 180 -11.35 -23.27 -8.21
N VAL B 181 -11.44 -22.02 -8.67
CA VAL B 181 -10.42 -21.45 -9.55
C VAL B 181 -9.02 -21.44 -8.92
N LEU B 182 -8.91 -21.01 -7.66
CA LEU B 182 -7.59 -21.00 -7.02
C LEU B 182 -7.24 -22.39 -6.49
N PHE B 183 -8.24 -23.26 -6.41
CA PHE B 183 -8.04 -24.63 -5.96
C PHE B 183 -7.34 -25.36 -7.10
N GLU B 184 -7.83 -25.09 -8.31
CA GLU B 184 -7.32 -25.66 -9.54
C GLU B 184 -5.89 -25.16 -9.77
N ASP B 185 -5.68 -23.88 -9.49
CA ASP B 185 -4.38 -23.24 -9.65
C ASP B 185 -3.32 -23.96 -8.79
N ALA B 186 -3.57 -23.99 -7.49
CA ALA B 186 -2.67 -24.62 -6.54
C ALA B 186 -2.28 -26.05 -6.92
N ALA B 187 -3.25 -26.79 -7.46
CA ALA B 187 -3.03 -28.17 -7.87
C ALA B 187 -2.04 -28.25 -9.03
N ALA B 188 -2.18 -27.34 -10.00
CA ALA B 188 -1.30 -27.28 -11.15
C ALA B 188 0.14 -27.04 -10.73
N ARG B 189 0.31 -26.25 -9.69
CA ARG B 189 1.62 -25.92 -9.15
C ARG B 189 2.27 -27.09 -8.41
N PHE B 190 1.72 -27.42 -7.24
CA PHE B 190 2.25 -28.51 -6.43
C PHE B 190 1.60 -29.85 -6.71
N GLU B 191 2.42 -30.90 -6.83
CA GLU B 191 1.90 -32.24 -7.06
C GLU B 191 1.33 -32.76 -5.74
N GLY B 192 1.73 -32.11 -4.65
CA GLY B 192 1.24 -32.47 -3.33
C GLY B 192 -0.11 -31.86 -3.07
N PHE B 193 -0.91 -31.75 -4.13
CA PHE B 193 -2.26 -31.21 -4.07
C PHE B 193 -3.05 -31.78 -5.25
N LYS B 194 -4.13 -32.50 -4.95
CA LYS B 194 -4.94 -33.10 -5.99
C LYS B 194 -6.31 -32.47 -6.24
N TYR B 195 -6.87 -31.82 -5.23
CA TYR B 195 -8.17 -31.17 -5.35
C TYR B 195 -9.28 -32.13 -5.78
N SER B 196 -9.91 -32.77 -4.80
CA SER B 196 -11.01 -33.68 -5.10
C SER B 196 -12.24 -32.81 -5.34
N LYS B 197 -13.07 -33.19 -6.29
CA LYS B 197 -14.28 -32.43 -6.59
C LYS B 197 -15.20 -32.54 -5.38
N GLY B 198 -15.00 -33.58 -4.59
CA GLY B 198 -15.78 -33.79 -3.39
C GLY B 198 -15.31 -32.85 -2.29
N MET B 199 -14.01 -32.59 -2.24
CA MET B 199 -13.45 -31.69 -1.25
C MET B 199 -13.94 -30.27 -1.49
N LEU B 200 -14.24 -29.95 -2.75
CA LEU B 200 -14.74 -28.62 -3.09
C LEU B 200 -16.14 -28.45 -2.55
N LYS B 201 -16.97 -29.48 -2.74
CA LYS B 201 -18.35 -29.47 -2.27
C LYS B 201 -18.44 -29.06 -0.81
N GLU B 202 -17.55 -29.63 0.00
CA GLU B 202 -17.50 -29.33 1.42
C GLU B 202 -17.19 -27.86 1.66
N GLU B 203 -16.06 -27.40 1.13
CA GLU B 203 -15.63 -26.01 1.28
C GLU B 203 -16.77 -25.03 1.05
N VAL B 204 -17.58 -25.30 0.03
CA VAL B 204 -18.71 -24.43 -0.29
C VAL B 204 -19.75 -24.48 0.84
N GLU B 205 -20.13 -25.69 1.24
CA GLU B 205 -21.12 -25.88 2.30
C GLU B 205 -20.60 -25.46 3.67
N ARG B 206 -19.28 -25.42 3.81
CA ARG B 206 -18.64 -25.03 5.06
C ARG B 206 -18.78 -23.51 5.21
N TYR B 207 -18.30 -22.78 4.20
CA TYR B 207 -18.35 -21.33 4.21
C TYR B 207 -19.76 -20.80 3.99
N LYS B 208 -20.67 -21.67 3.58
CA LYS B 208 -22.05 -21.28 3.36
C LYS B 208 -22.65 -21.11 4.76
N LYS B 209 -22.18 -21.95 5.69
CA LYS B 209 -22.62 -21.91 7.08
C LYS B 209 -21.91 -20.74 7.77
N PHE B 210 -20.64 -20.54 7.41
CA PHE B 210 -19.84 -19.46 7.97
C PHE B 210 -20.44 -18.12 7.58
N ALA B 211 -20.91 -18.02 6.34
CA ALA B 211 -21.51 -16.81 5.83
C ALA B 211 -22.71 -16.38 6.66
N GLU B 212 -23.43 -17.37 7.18
CA GLU B 212 -24.61 -17.13 8.01
C GLU B 212 -24.23 -16.41 9.30
N ARG B 213 -23.16 -16.88 9.94
CA ARG B 213 -22.66 -16.31 11.20
C ARG B 213 -21.94 -14.98 11.01
N LEU B 214 -21.12 -14.88 9.98
CA LEU B 214 -20.35 -13.67 9.70
C LEU B 214 -21.18 -12.50 9.17
N GLU B 215 -22.30 -12.81 8.54
CA GLU B 215 -23.19 -11.81 7.97
C GLU B 215 -23.43 -10.54 8.80
N PRO B 216 -23.81 -10.70 10.08
CA PRO B 216 -24.05 -9.50 10.91
C PRO B 216 -22.81 -8.64 11.18
N PHE B 217 -21.62 -9.22 10.94
CA PHE B 217 -20.37 -8.50 11.15
C PHE B 217 -19.97 -7.67 9.95
N ILE B 218 -20.24 -8.20 8.75
CA ILE B 218 -19.91 -7.52 7.51
C ILE B 218 -20.54 -6.13 7.40
N ALA B 219 -19.78 -5.21 6.83
CA ALA B 219 -20.22 -3.82 6.63
C ALA B 219 -19.20 -3.11 5.75
N ASP B 220 -19.67 -2.10 5.01
CA ASP B 220 -18.78 -1.32 4.13
C ASP B 220 -17.79 -0.55 4.99
N THR B 221 -16.65 -1.18 5.25
CA THR B 221 -15.59 -0.60 6.06
C THR B 221 -15.17 0.80 5.59
N VAL B 222 -14.96 0.96 4.29
CA VAL B 222 -14.54 2.24 3.74
C VAL B 222 -15.56 3.34 4.02
N HIS B 223 -16.82 3.08 3.68
CA HIS B 223 -17.88 4.05 3.90
C HIS B 223 -18.05 4.39 5.37
N VAL B 224 -18.21 3.36 6.21
CA VAL B 224 -18.39 3.54 7.64
C VAL B 224 -17.33 4.46 8.24
N LEU B 225 -16.07 4.11 8.05
CA LEU B 225 -14.94 4.88 8.57
C LEU B 225 -14.98 6.33 8.13
N ASN B 226 -15.10 6.55 6.82
CA ASN B 226 -15.15 7.89 6.27
C ASN B 226 -16.35 8.67 6.81
N GLU B 227 -17.48 8.01 6.91
CA GLU B 227 -18.70 8.63 7.43
C GLU B 227 -18.42 9.05 8.87
N SER B 228 -17.76 8.15 9.61
CA SER B 228 -17.40 8.39 11.00
C SER B 228 -16.59 9.69 11.15
N ILE B 229 -15.62 9.89 10.28
CA ILE B 229 -14.78 11.08 10.31
C ILE B 229 -15.62 12.34 10.06
N ARG B 230 -16.60 12.26 9.17
CA ARG B 230 -17.46 13.39 8.88
C ARG B 230 -18.29 13.76 10.12
N GLN B 231 -18.56 12.76 10.95
CA GLN B 231 -19.34 12.95 12.17
C GLN B 231 -18.45 13.21 13.40
N LYS B 232 -17.16 13.47 13.15
CA LYS B 232 -16.18 13.74 14.20
C LYS B 232 -15.98 12.61 15.21
N LYS B 233 -16.10 11.37 14.76
CA LYS B 233 -15.89 10.19 15.61
C LYS B 233 -14.39 9.89 15.65
N LYS B 234 -13.81 9.82 16.85
CA LYS B 234 -12.39 9.53 16.99
C LYS B 234 -12.07 8.09 16.61
N ILE B 235 -10.96 7.90 15.91
CA ILE B 235 -10.55 6.57 15.46
C ILE B 235 -9.06 6.33 15.65
N LEU B 236 -8.73 5.25 16.34
CA LEU B 236 -7.35 4.86 16.60
C LEU B 236 -6.98 3.63 15.78
N VAL B 237 -5.95 3.74 14.95
CA VAL B 237 -5.54 2.62 14.12
C VAL B 237 -4.47 1.76 14.80
N GLU B 238 -4.73 0.45 14.87
CA GLU B 238 -3.80 -0.51 15.46
C GLU B 238 -2.88 -1.10 14.41
N GLY B 239 -1.59 -0.80 14.53
CA GLY B 239 -0.61 -1.32 13.60
C GLY B 239 -0.46 -2.80 13.76
N GLY B 240 -0.31 -3.51 12.64
CA GLY B 240 -0.18 -4.96 12.68
C GLY B 240 1.17 -5.41 13.19
N GLN B 241 2.20 -5.07 12.45
CA GLN B 241 3.57 -5.43 12.82
C GLN B 241 4.39 -4.18 12.71
N ALA B 242 5.70 -4.32 12.56
CA ALA B 242 6.57 -3.17 12.46
C ALA B 242 6.99 -2.82 11.03
N THR B 243 7.43 -1.58 10.82
CA THR B 243 7.83 -1.13 9.49
C THR B 243 9.15 -1.73 9.00
N MET B 244 9.97 -2.23 9.92
CA MET B 244 11.23 -2.85 9.50
C MET B 244 10.90 -4.22 8.91
N LEU B 245 9.63 -4.60 9.03
CA LEU B 245 9.13 -5.86 8.52
C LEU B 245 8.32 -5.60 7.25
N ASP B 246 8.19 -4.33 6.89
CA ASP B 246 7.43 -3.89 5.71
C ASP B 246 7.90 -4.52 4.42
N ILE B 247 6.95 -4.92 3.59
CA ILE B 247 7.24 -5.55 2.31
C ILE B 247 8.12 -4.70 1.39
N ASP B 248 8.03 -3.39 1.53
CA ASP B 248 8.82 -2.47 0.72
C ASP B 248 10.04 -1.92 1.45
N PHE B 249 9.80 -1.44 2.66
CA PHE B 249 10.82 -0.82 3.47
C PHE B 249 11.60 -1.72 4.42
N GLY B 250 11.02 -2.86 4.76
CA GLY B 250 11.69 -3.78 5.66
C GLY B 250 12.94 -4.44 5.08
N THR B 251 13.51 -5.37 5.85
CA THR B 251 14.69 -6.10 5.42
C THR B 251 14.36 -7.21 4.44
N TYR B 252 14.01 -6.82 3.23
CA TYR B 252 13.65 -7.77 2.16
C TYR B 252 14.85 -8.67 1.90
N PRO B 253 14.61 -9.96 1.61
CA PRO B 253 13.29 -10.59 1.51
C PRO B 253 12.70 -11.02 2.85
N PHE B 254 13.48 -10.87 3.92
CA PHE B 254 13.02 -11.26 5.25
C PHE B 254 12.02 -10.24 5.80
N VAL B 255 10.83 -10.24 5.23
CA VAL B 255 9.76 -9.33 5.64
C VAL B 255 8.42 -10.02 5.47
N THR B 256 7.35 -9.29 5.77
CA THR B 256 6.00 -9.83 5.61
C THR B 256 5.46 -9.32 4.28
N SER B 257 4.45 -10.00 3.74
CA SER B 257 3.85 -9.63 2.47
C SER B 257 2.91 -8.43 2.59
N SER B 258 2.71 -7.94 3.81
CA SER B 258 1.83 -6.81 4.09
C SER B 258 2.65 -5.52 4.27
N SER B 259 1.96 -4.37 4.33
CA SER B 259 2.62 -3.07 4.52
C SER B 259 2.28 -2.51 5.92
N PRO B 260 3.13 -2.80 6.92
CA PRO B 260 2.91 -2.31 8.29
C PRO B 260 3.18 -0.81 8.47
N SER B 261 3.71 -0.16 7.44
CA SER B 261 4.01 1.26 7.52
C SER B 261 2.73 2.11 7.52
N ALA B 262 2.91 3.41 7.70
CA ALA B 262 1.79 4.36 7.72
C ALA B 262 1.01 4.35 6.43
N GLY B 263 1.70 4.26 5.30
CA GLY B 263 1.01 4.23 4.02
C GLY B 263 -0.04 3.12 4.04
N GLY B 264 0.30 2.02 4.71
CA GLY B 264 -0.60 0.90 4.80
C GLY B 264 -1.93 1.16 5.49
N ILE B 265 -2.00 2.18 6.34
CA ILE B 265 -3.27 2.45 7.00
C ILE B 265 -4.24 3.11 6.05
N CYS B 266 -3.69 3.70 4.99
CA CYS B 266 -4.52 4.34 3.99
C CYS B 266 -5.07 3.27 3.07
N THR B 267 -4.17 2.46 2.53
CA THR B 267 -4.54 1.38 1.61
C THR B 267 -5.33 0.27 2.31
N GLY B 268 -5.15 0.16 3.62
CA GLY B 268 -5.83 -0.87 4.38
C GLY B 268 -7.16 -0.44 4.97
N LEU B 269 -7.37 0.86 5.15
CA LEU B 269 -8.61 1.35 5.71
C LEU B 269 -9.46 2.14 4.72
N GLY B 270 -8.79 2.81 3.81
CA GLY B 270 -9.48 3.61 2.81
C GLY B 270 -9.70 5.04 3.25
N ILE B 271 -8.74 5.59 3.99
CA ILE B 271 -8.82 6.97 4.46
C ILE B 271 -7.74 7.85 3.82
N ALA B 272 -8.07 9.13 3.68
CA ALA B 272 -7.16 10.09 3.07
C ALA B 272 -5.92 10.36 3.90
N PRO B 273 -4.75 10.42 3.26
CA PRO B 273 -3.48 10.69 3.95
C PRO B 273 -3.52 12.01 4.70
N ARG B 274 -4.36 12.94 4.23
CA ARG B 274 -4.47 14.24 4.89
C ARG B 274 -5.24 14.19 6.20
N VAL B 275 -6.05 13.15 6.38
CA VAL B 275 -6.85 13.03 7.59
C VAL B 275 -6.13 12.35 8.76
N ILE B 276 -5.01 11.69 8.48
CA ILE B 276 -4.26 10.99 9.52
C ILE B 276 -3.50 11.98 10.38
N GLY B 277 -3.83 12.01 11.67
CA GLY B 277 -3.19 12.91 12.61
C GLY B 277 -1.93 12.34 13.24
N ASP B 278 -1.94 12.25 14.56
CA ASP B 278 -0.81 11.72 15.32
C ASP B 278 -0.50 10.26 15.05
N LEU B 279 0.79 9.93 15.07
CA LEU B 279 1.26 8.58 14.84
C LEU B 279 2.30 8.23 15.90
N ILE B 280 1.91 7.40 16.85
CA ILE B 280 2.80 6.98 17.92
C ILE B 280 3.59 5.75 17.49
N GLY B 281 4.91 5.88 17.49
CA GLY B 281 5.78 4.77 17.12
C GLY B 281 6.28 4.00 18.33
N VAL B 282 5.89 2.74 18.43
CA VAL B 282 6.31 1.89 19.53
C VAL B 282 7.73 1.39 19.35
N VAL B 283 8.62 1.89 20.19
CA VAL B 283 10.00 1.51 20.15
C VAL B 283 10.34 0.75 21.42
N LYS B 284 10.67 -0.52 21.30
CA LYS B 284 11.03 -1.30 22.46
C LYS B 284 12.43 -0.82 22.87
N ALA B 285 12.75 -0.96 24.16
CA ALA B 285 14.05 -0.53 24.66
C ALA B 285 15.21 -1.27 23.99
N TYR B 286 14.93 -2.47 23.50
CA TYR B 286 15.91 -3.31 22.81
C TYR B 286 15.19 -3.99 21.66
N THR B 287 15.94 -4.35 20.61
CA THR B 287 15.34 -4.99 19.45
C THR B 287 15.26 -6.51 19.57
N THR B 288 14.24 -7.07 18.94
CA THR B 288 14.05 -8.52 18.93
C THR B 288 13.56 -8.93 17.56
N ARG B 289 14.36 -9.71 16.86
CA ARG B 289 13.96 -10.16 15.55
C ARG B 289 13.64 -11.64 15.64
N VAL B 290 12.43 -12.01 15.26
CA VAL B 290 12.02 -13.40 15.29
C VAL B 290 12.29 -14.10 13.95
N GLY B 291 13.23 -15.05 13.94
CA GLY B 291 13.56 -15.76 12.72
C GLY B 291 14.84 -15.27 12.08
N SER B 292 15.25 -15.93 10.99
CA SER B 292 16.47 -15.55 10.29
C SER B 292 16.35 -14.21 9.57
N GLY B 293 17.48 -13.56 9.36
CA GLY B 293 17.48 -12.27 8.70
C GLY B 293 18.62 -11.44 9.24
N PRO B 294 18.86 -10.25 8.68
CA PRO B 294 19.95 -9.37 9.13
C PRO B 294 19.69 -8.81 10.52
N PHE B 295 20.70 -8.86 11.38
CA PHE B 295 20.57 -8.37 12.74
C PHE B 295 21.90 -7.76 13.18
N PRO B 296 22.07 -6.45 12.94
CA PRO B 296 23.27 -5.69 13.27
C PRO B 296 23.59 -5.71 14.77
N THR B 297 22.65 -5.19 15.55
CA THR B 297 22.78 -5.11 17.00
C THR B 297 22.57 -6.43 17.75
N GLU B 298 22.56 -7.54 17.02
CA GLU B 298 22.34 -8.84 17.65
C GLU B 298 23.33 -9.24 18.73
N LEU B 299 22.79 -9.64 19.88
CA LEU B 299 23.60 -10.08 21.01
C LEU B 299 23.51 -11.60 21.13
N LEU B 300 24.61 -12.27 20.80
CA LEU B 300 24.67 -13.72 20.88
C LEU B 300 25.19 -14.13 22.26
N GLY B 301 25.80 -13.18 22.97
CA GLY B 301 26.35 -13.44 24.29
C GLY B 301 25.36 -13.35 25.42
N GLU B 302 25.85 -13.56 26.65
CA GLU B 302 25.03 -13.51 27.85
C GLU B 302 24.13 -12.30 27.94
N GLU B 303 24.62 -11.15 27.48
CA GLU B 303 23.85 -9.92 27.50
C GLU B 303 22.52 -10.12 26.78
N GLY B 304 22.55 -10.93 25.74
CA GLY B 304 21.35 -11.23 24.98
C GLY B 304 20.45 -12.16 25.78
N ASP B 305 21.08 -13.15 26.42
CA ASP B 305 20.35 -14.12 27.23
C ASP B 305 19.63 -13.43 28.38
N VAL B 306 20.27 -12.42 28.97
CA VAL B 306 19.67 -11.67 30.08
C VAL B 306 18.39 -10.97 29.64
N LEU B 307 18.45 -10.32 28.48
CA LEU B 307 17.32 -9.62 27.92
C LEU B 307 16.18 -10.59 27.63
N ARG B 308 16.50 -11.60 26.83
CA ARG B 308 15.55 -12.62 26.43
C ARG B 308 14.70 -13.18 27.58
N LYS B 309 15.36 -13.56 28.68
CA LYS B 309 14.66 -14.11 29.84
C LYS B 309 13.82 -13.07 30.56
N ALA B 310 14.41 -11.90 30.77
CA ALA B 310 13.74 -10.80 31.47
C ALA B 310 12.52 -10.30 30.70
N GLY B 311 12.67 -10.20 29.38
CA GLY B 311 11.58 -9.74 28.53
C GLY B 311 10.61 -10.84 28.16
N MET B 312 11.06 -12.08 28.35
CA MET B 312 10.29 -13.28 28.05
C MET B 312 10.11 -13.41 26.56
N GLU B 313 11.20 -13.15 25.82
CA GLU B 313 11.21 -13.23 24.37
C GLU B 313 11.19 -14.66 23.85
N PHE B 314 10.00 -15.27 23.87
CA PHE B 314 9.80 -16.64 23.41
C PHE B 314 8.44 -16.69 22.72
N GLY B 315 8.33 -17.53 21.70
CA GLY B 315 7.08 -17.67 20.97
C GLY B 315 5.92 -18.00 21.89
N THR B 316 4.81 -17.29 21.74
CA THR B 316 3.64 -17.54 22.57
C THR B 316 3.11 -18.96 22.38
N THR B 317 3.34 -19.53 21.20
CA THR B 317 2.89 -20.88 20.89
C THR B 317 4.07 -21.83 20.76
N THR B 318 5.09 -21.40 20.01
CA THR B 318 6.28 -22.20 19.78
C THR B 318 7.33 -22.16 20.88
N GLY B 319 7.24 -21.19 21.78
CA GLY B 319 8.20 -21.10 22.87
C GLY B 319 9.64 -20.89 22.43
N ARG B 320 9.85 -20.66 21.14
CA ARG B 320 11.19 -20.45 20.60
C ARG B 320 11.69 -19.06 20.94
N PRO B 321 12.95 -18.95 21.37
CA PRO B 321 13.61 -17.70 21.74
C PRO B 321 13.81 -16.74 20.57
N ARG B 322 13.37 -15.51 20.75
CA ARG B 322 13.53 -14.50 19.71
C ARG B 322 14.95 -13.95 19.84
N ARG B 323 15.61 -13.73 18.71
CA ARG B 323 16.96 -13.19 18.74
C ARG B 323 16.87 -11.79 19.34
N CYS B 324 17.87 -11.38 20.13
CA CYS B 324 17.84 -10.07 20.75
C CYS B 324 19.05 -9.22 20.45
N GLY B 325 18.97 -7.95 20.85
CA GLY B 325 20.05 -7.02 20.61
C GLY B 325 19.79 -5.63 21.18
N TRP B 326 20.73 -4.73 20.95
CA TRP B 326 20.63 -3.35 21.43
C TRP B 326 19.69 -2.54 20.53
N LEU B 327 19.15 -1.45 21.06
CA LEU B 327 18.27 -0.60 20.27
C LEU B 327 19.04 -0.02 19.09
N ASP B 328 18.49 -0.20 17.89
CA ASP B 328 19.11 0.29 16.66
C ASP B 328 18.52 1.65 16.30
N ILE B 329 19.28 2.70 16.53
CA ILE B 329 18.82 4.05 16.23
C ILE B 329 18.89 4.35 14.74
N VAL B 330 19.83 3.72 14.03
CA VAL B 330 19.94 3.94 12.59
C VAL B 330 18.61 3.55 11.94
N ALA B 331 18.19 2.33 12.18
CA ALA B 331 16.95 1.80 11.64
C ALA B 331 15.76 2.60 12.15
N LEU B 332 15.80 2.94 13.43
CA LEU B 332 14.71 3.69 14.04
C LEU B 332 14.54 5.06 13.38
N LYS B 333 15.63 5.78 13.22
CA LYS B 333 15.59 7.11 12.62
C LYS B 333 15.02 6.99 11.22
N TYR B 334 15.51 6.00 10.48
CA TYR B 334 15.07 5.72 9.11
C TYR B 334 13.58 5.43 9.13
N CYS B 335 13.14 4.66 10.12
CA CYS B 335 11.72 4.32 10.26
C CYS B 335 10.90 5.55 10.62
N CYS B 336 11.46 6.41 11.47
CA CYS B 336 10.75 7.62 11.88
C CYS B 336 10.39 8.49 10.70
N ASP B 337 11.32 8.61 9.75
CA ASP B 337 11.10 9.42 8.56
C ASP B 337 9.94 8.86 7.73
N ILE B 338 10.03 7.56 7.42
CA ILE B 338 9.03 6.86 6.63
C ILE B 338 7.60 7.04 7.11
N ASN B 339 7.39 7.02 8.43
CA ASN B 339 6.06 7.14 8.99
C ASN B 339 5.70 8.55 9.43
N GLY B 340 6.67 9.29 9.95
CA GLY B 340 6.39 10.64 10.42
C GLY B 340 5.69 10.56 11.76
N PHE B 341 6.35 9.92 12.72
CA PHE B 341 5.81 9.75 14.06
C PHE B 341 5.72 11.07 14.80
N SER B 342 4.59 11.31 15.46
CA SER B 342 4.41 12.54 16.23
C SER B 342 5.18 12.36 17.55
N SER B 343 5.06 11.18 18.13
CA SER B 343 5.72 10.83 19.38
C SER B 343 6.21 9.39 19.35
N LEU B 344 6.55 8.86 20.52
CA LEU B 344 7.03 7.49 20.64
C LEU B 344 6.63 6.89 21.98
N ASN B 345 6.54 5.57 22.00
CA ASN B 345 6.22 4.81 23.20
C ASN B 345 7.39 3.87 23.42
N LEU B 346 8.27 4.21 24.35
CA LEU B 346 9.43 3.40 24.67
C LEU B 346 8.98 2.31 25.62
N THR B 347 8.81 1.10 25.09
CA THR B 347 8.35 -0.02 25.90
C THR B 347 9.44 -0.88 26.53
N LYS B 348 9.01 -1.78 27.40
CA LYS B 348 9.87 -2.72 28.12
C LYS B 348 11.17 -2.12 28.67
N LEU B 349 11.05 -0.97 29.35
CA LEU B 349 12.22 -0.32 29.92
C LEU B 349 12.69 -1.07 31.17
N ASP B 350 11.73 -1.73 31.81
CA ASP B 350 11.99 -2.50 33.03
C ASP B 350 12.90 -3.71 32.77
N VAL B 351 13.02 -4.09 31.50
CA VAL B 351 13.85 -5.22 31.13
C VAL B 351 15.35 -4.88 31.14
N LEU B 352 15.66 -3.60 30.98
CA LEU B 352 17.05 -3.15 30.97
C LEU B 352 17.68 -3.03 32.37
N SER B 353 16.86 -3.21 33.40
CA SER B 353 17.34 -3.15 34.77
C SER B 353 18.38 -4.26 34.97
N GLY B 354 19.43 -3.94 35.72
CA GLY B 354 20.48 -4.90 35.98
C GLY B 354 21.68 -4.81 35.05
N LEU B 355 21.50 -4.18 33.90
CA LEU B 355 22.59 -4.03 32.95
C LEU B 355 23.50 -2.86 33.31
N PRO B 356 24.80 -3.14 33.54
CA PRO B 356 25.81 -2.15 33.90
C PRO B 356 26.02 -1.14 32.78
N GLU B 357 25.95 -1.63 31.55
CA GLU B 357 26.13 -0.81 30.36
C GLU B 357 25.04 -1.13 29.35
N ILE B 358 24.54 -0.11 28.68
CA ILE B 358 23.51 -0.26 27.65
C ILE B 358 23.95 0.51 26.41
N LYS B 359 24.28 -0.22 25.36
CA LYS B 359 24.74 0.38 24.10
C LYS B 359 23.61 0.74 23.13
N LEU B 360 23.89 1.69 22.25
CA LEU B 360 22.93 2.15 21.24
C LEU B 360 23.58 2.21 19.87
N GLY B 361 22.96 1.55 18.89
CA GLY B 361 23.50 1.59 17.54
C GLY B 361 23.23 2.96 16.96
N VAL B 362 24.28 3.76 16.79
CA VAL B 362 24.13 5.10 16.24
C VAL B 362 24.59 5.22 14.79
N SER B 363 25.82 4.80 14.50
CA SER B 363 26.35 4.87 13.14
C SER B 363 26.45 3.51 12.47
N TYR B 364 26.64 3.52 11.16
CA TYR B 364 26.77 2.31 10.36
C TYR B 364 28.00 2.46 9.47
N ASN B 365 29.00 1.60 9.69
CA ASN B 365 30.23 1.66 8.90
C ASN B 365 30.30 0.54 7.87
N GLN B 366 30.97 0.81 6.75
CA GLN B 366 31.14 -0.18 5.68
C GLN B 366 32.13 -1.25 6.11
N MET B 367 32.24 -2.32 5.32
CA MET B 367 33.18 -3.40 5.62
C MET B 367 34.61 -2.89 5.69
N ASP B 368 34.84 -1.71 5.12
CA ASP B 368 36.15 -1.07 5.10
C ASP B 368 36.27 0.05 6.13
N GLY B 369 35.20 0.83 6.29
CA GLY B 369 35.22 1.91 7.26
C GLY B 369 34.60 3.21 6.78
N GLU B 370 33.60 3.13 5.91
CA GLU B 370 32.92 4.32 5.40
C GLU B 370 31.52 4.47 6.00
N LYS B 371 31.28 5.60 6.66
CA LYS B 371 30.00 5.88 7.29
C LYS B 371 28.87 6.03 6.26
N LEU B 372 27.77 5.30 6.48
CA LEU B 372 26.62 5.34 5.61
C LEU B 372 25.67 6.45 6.02
N GLN B 373 25.14 7.18 5.03
CA GLN B 373 24.21 8.27 5.28
C GLN B 373 22.79 7.76 5.54
N SER B 374 22.49 6.56 5.04
CA SER B 374 21.17 5.99 5.21
C SER B 374 21.16 4.48 5.43
N PHE B 375 20.03 3.99 5.93
CA PHE B 375 19.82 2.58 6.19
C PHE B 375 19.84 1.79 4.87
N PRO B 376 20.65 0.71 4.80
CA PRO B 376 20.80 -0.15 3.63
C PRO B 376 19.53 -0.90 3.18
N GLY B 377 19.32 -0.92 1.87
CA GLY B 377 18.18 -1.62 1.32
C GLY B 377 18.46 -3.11 1.21
N ASP B 378 19.44 -3.44 0.38
CA ASP B 378 19.84 -4.84 0.17
C ASP B 378 20.52 -5.48 1.37
N LEU B 379 20.21 -6.76 1.59
CA LEU B 379 20.79 -7.49 2.70
C LEU B 379 22.30 -7.70 2.55
N ASP B 380 22.77 -7.73 1.31
CA ASP B 380 24.18 -7.92 1.01
C ASP B 380 25.07 -6.95 1.77
N THR B 381 24.71 -5.67 1.71
CA THR B 381 25.44 -4.63 2.39
C THR B 381 25.10 -4.57 3.89
N LEU B 382 23.83 -4.81 4.20
CA LEU B 382 23.34 -4.77 5.59
C LEU B 382 23.93 -5.86 6.49
N GLU B 383 24.07 -7.07 5.96
CA GLU B 383 24.60 -8.19 6.72
C GLU B 383 26.11 -8.09 6.91
N GLN B 384 26.71 -7.06 6.32
CA GLN B 384 28.15 -6.89 6.41
C GLN B 384 28.55 -5.50 6.91
N VAL B 385 27.82 -5.01 7.91
CA VAL B 385 28.10 -3.69 8.48
C VAL B 385 28.81 -3.72 9.83
N GLN B 386 29.51 -2.62 10.12
CA GLN B 386 30.24 -2.46 11.37
C GLN B 386 29.49 -1.40 12.20
N VAL B 387 28.71 -1.87 13.17
CA VAL B 387 27.94 -0.96 14.01
C VAL B 387 28.81 -0.15 14.97
N ASN B 388 28.46 1.12 15.16
CA ASN B 388 29.19 2.03 16.05
C ASN B 388 28.31 2.36 17.24
N TYR B 389 28.58 1.72 18.37
CA TYR B 389 27.78 1.94 19.56
C TYR B 389 28.09 3.20 20.35
N GLU B 390 27.28 3.40 21.38
CA GLU B 390 27.40 4.54 22.28
C GLU B 390 26.95 4.01 23.64
N VAL B 391 27.93 3.61 24.45
CA VAL B 391 27.65 3.07 25.78
C VAL B 391 27.13 4.12 26.77
N LEU B 392 26.07 3.76 27.49
CA LEU B 392 25.47 4.65 28.48
C LEU B 392 25.41 3.98 29.84
N PRO B 393 25.39 4.78 30.93
CA PRO B 393 25.33 4.23 32.28
C PRO B 393 24.04 3.44 32.52
N GLY B 394 24.19 2.20 32.98
CA GLY B 394 23.04 1.36 33.25
C GLY B 394 22.57 1.54 34.69
N TRP B 395 21.69 0.66 35.14
CA TRP B 395 21.17 0.75 36.51
C TRP B 395 20.68 -0.60 37.02
N ASP B 396 20.66 -0.75 38.34
CA ASP B 396 20.22 -1.97 39.00
C ASP B 396 19.03 -1.61 39.88
N SER B 397 17.84 -1.51 39.31
CA SER B 397 16.66 -1.14 40.09
C SER B 397 15.34 -1.54 39.45
N ASP B 398 14.57 -2.38 40.15
CA ASP B 398 13.27 -2.84 39.66
C ASP B 398 12.33 -1.65 39.54
N ILE B 399 12.02 -1.27 38.32
CA ILE B 399 11.15 -0.12 38.07
C ILE B 399 9.73 -0.46 37.63
N SER B 400 9.35 -1.74 37.73
CA SER B 400 8.01 -2.17 37.33
C SER B 400 6.92 -1.56 38.21
N SER B 401 7.30 -0.65 39.10
CA SER B 401 6.33 -0.02 40.00
C SER B 401 6.24 1.50 39.81
N VAL B 402 7.22 2.07 39.11
CA VAL B 402 7.25 3.51 38.86
C VAL B 402 6.14 3.96 37.93
N ARG B 403 5.28 4.85 38.40
CA ARG B 403 4.18 5.36 37.59
C ARG B 403 4.42 6.80 37.10
N SER B 404 5.19 7.58 37.86
CA SER B 404 5.49 8.96 37.49
C SER B 404 6.85 9.03 36.80
N TYR B 405 7.07 10.05 35.97
CA TYR B 405 8.34 10.18 35.25
C TYR B 405 9.53 10.53 36.14
N SER B 406 9.33 11.48 37.04
CA SER B 406 10.38 11.93 37.95
C SER B 406 10.92 10.85 38.89
N GLU B 407 10.11 9.81 39.13
CA GLU B 407 10.48 8.71 40.00
C GLU B 407 11.49 7.73 39.39
N LEU B 408 11.77 7.90 38.10
CA LEU B 408 12.72 7.04 37.43
C LEU B 408 14.16 7.37 37.79
N PRO B 409 15.08 6.40 37.65
CA PRO B 409 16.49 6.58 37.95
C PRO B 409 17.06 7.61 36.99
N GLN B 410 18.10 8.31 37.41
CA GLN B 410 18.73 9.34 36.59
C GLN B 410 19.31 8.75 35.30
N ALA B 411 19.87 7.54 35.41
CA ALA B 411 20.47 6.87 34.26
C ALA B 411 19.42 6.38 33.27
N ALA B 412 18.22 6.10 33.77
CA ALA B 412 17.12 5.63 32.93
C ALA B 412 16.47 6.79 32.19
N ARG B 413 16.32 7.93 32.88
CA ARG B 413 15.74 9.13 32.28
C ARG B 413 16.67 9.62 31.18
N ARG B 414 17.97 9.58 31.47
CA ARG B 414 19.00 10.00 30.52
C ARG B 414 18.91 9.11 29.27
N TYR B 415 18.48 7.87 29.46
CA TYR B 415 18.35 6.95 28.35
C TYR B 415 17.28 7.36 27.35
N VAL B 416 16.04 7.53 27.82
CA VAL B 416 14.96 7.93 26.93
C VAL B 416 15.29 9.25 26.24
N GLU B 417 15.88 10.16 27.00
CA GLU B 417 16.23 11.48 26.50
C GLU B 417 17.25 11.42 25.38
N ARG B 418 18.23 10.53 25.49
CA ARG B 418 19.25 10.41 24.46
C ARG B 418 18.62 9.82 23.19
N ILE B 419 17.61 8.99 23.39
CA ILE B 419 16.90 8.37 22.28
C ILE B 419 16.10 9.43 21.54
N GLU B 420 15.18 10.08 22.25
CA GLU B 420 14.34 11.11 21.65
C GLU B 420 15.18 12.23 21.03
N GLU B 421 16.43 12.31 21.45
CA GLU B 421 17.32 13.32 20.93
C GLU B 421 17.87 12.87 19.58
N LEU B 422 18.37 11.64 19.52
CA LEU B 422 18.92 11.08 18.30
C LEU B 422 17.85 10.74 17.27
N ALA B 423 16.69 10.30 17.75
CA ALA B 423 15.56 9.94 16.89
C ALA B 423 14.85 11.18 16.37
N GLY B 424 14.89 12.26 17.14
CA GLY B 424 14.25 13.48 16.74
C GLY B 424 12.82 13.61 17.22
N VAL B 425 12.17 12.47 17.47
CA VAL B 425 10.80 12.49 17.96
C VAL B 425 10.75 12.24 19.47
N PRO B 426 9.96 13.04 20.20
CA PRO B 426 9.81 12.93 21.65
C PRO B 426 9.14 11.65 22.11
N VAL B 427 9.40 11.26 23.35
CA VAL B 427 8.80 10.08 23.94
C VAL B 427 7.67 10.54 24.84
N HIS B 428 6.49 10.00 24.62
CA HIS B 428 5.34 10.39 25.43
C HIS B 428 4.86 9.25 26.31
N TYR B 429 5.32 8.04 26.03
CA TYR B 429 4.92 6.88 26.81
C TYR B 429 6.10 5.97 27.06
N ILE B 430 6.24 5.51 28.30
CA ILE B 430 7.32 4.62 28.68
C ILE B 430 6.75 3.41 29.40
N GLY B 431 6.85 2.26 28.78
CA GLY B 431 6.33 1.04 29.36
C GLY B 431 7.31 0.39 30.32
N VAL B 432 6.83 0.10 31.53
CA VAL B 432 7.68 -0.54 32.54
C VAL B 432 7.00 -1.80 33.10
N GLY B 433 6.14 -2.41 32.29
CA GLY B 433 5.45 -3.60 32.71
C GLY B 433 4.36 -3.97 31.73
N PRO B 434 3.99 -5.25 31.63
CA PRO B 434 2.95 -5.69 30.70
C PRO B 434 1.54 -5.21 31.07
N GLY B 435 1.35 -4.86 32.35
CA GLY B 435 0.05 -4.41 32.84
C GLY B 435 -0.48 -3.14 32.23
N ARG B 436 -1.81 -3.04 32.17
CA ARG B 436 -2.50 -1.86 31.61
C ARG B 436 -2.09 -0.61 32.38
N ASP B 437 -1.84 -0.80 33.67
CA ASP B 437 -1.47 0.27 34.58
C ASP B 437 0.01 0.67 34.50
N ALA B 438 0.86 -0.26 34.08
CA ALA B 438 2.29 -0.02 34.00
C ALA B 438 2.80 0.86 32.86
N LEU B 439 2.33 2.10 32.80
CA LEU B 439 2.76 3.04 31.75
C LEU B 439 3.01 4.44 32.31
N ILE B 440 4.17 5.01 31.98
CA ILE B 440 4.56 6.35 32.42
C ILE B 440 4.33 7.39 31.32
N TYR B 441 3.78 8.53 31.69
CA TYR B 441 3.51 9.60 30.72
C TYR B 441 4.55 10.73 30.83
N LYS B 442 5.17 11.04 29.71
CA LYS B 442 6.19 12.09 29.63
C LYS B 442 5.65 13.26 28.80
PB GDP C . -2.58 9.53 -18.35
O1B GDP C . -3.72 9.47 -17.42
O2B GDP C . -1.94 10.82 -18.62
O3B GDP C . -1.52 8.52 -17.87
O3A GDP C . -2.99 8.88 -19.78
PA GDP C . -2.77 9.47 -21.28
O1A GDP C . -2.10 10.82 -21.22
O2A GDP C . -2.21 8.40 -22.12
O5' GDP C . -4.32 9.69 -21.66
C5' GDP C . -4.82 11.02 -21.89
C4' GDP C . -4.82 11.36 -23.38
O4' GDP C . -5.74 12.43 -23.55
C3' GDP C . -3.50 11.89 -23.89
O3' GDP C . -3.25 11.41 -25.20
C2' GDP C . -3.61 13.42 -23.84
O2' GDP C . -2.78 14.20 -24.74
C1' GDP C . -5.10 13.59 -24.09
N9 GDP C . -5.66 14.75 -23.38
C8 GDP C . -5.36 15.24 -22.14
N7 GDP C . -6.03 16.28 -21.77
C5 GDP C . -6.85 16.52 -22.87
C6 GDP C . -7.84 17.54 -23.08
O6 GDP C . -8.16 18.44 -22.31
N1 GDP C . -8.45 17.42 -24.33
C2 GDP C . -8.17 16.45 -25.28
N2 GDP C . -8.86 16.50 -26.41
N3 GDP C . -7.25 15.49 -25.09
C4 GDP C . -6.63 15.58 -23.87
PB GDP D . 2.35 -6.26 19.74
O1B GDP D . 3.46 -5.46 19.19
O2B GDP D . 1.41 -5.65 20.68
O3B GDP D . 1.58 -6.90 18.54
O3A GDP D . 2.96 -7.57 20.46
PA GDP D . 2.64 -8.18 21.92
O1A GDP D . 2.00 -7.14 22.79
O2A GDP D . 2.03 -9.50 21.77
O5' GDP D . 4.18 -8.37 22.39
C5' GDP D . 4.69 -7.58 23.49
C4' GDP D . 4.65 -8.38 24.82
O4' GDP D . 5.35 -7.60 25.78
C3' GDP D . 3.26 -8.58 25.38
O3' GDP D . 3.12 -9.87 25.95
C2' GDP D . 3.07 -7.48 26.42
O2' GDP D . 2.14 -7.73 27.50
C1' GDP D . 4.50 -7.30 26.89
N9 GDP D . 4.78 -5.92 27.30
C8 GDP D . 4.25 -4.75 26.86
N7 GDP D . 4.70 -3.68 27.42
C5 GDP D . 5.62 -4.17 28.34
C6 GDP D . 6.47 -3.46 29.26
O6 GDP D . 6.54 -2.24 29.43
N1 GDP D . 7.28 -4.33 30.01
C2 GDP D . 7.28 -5.71 29.89
N2 GDP D . 8.11 -6.37 30.68
N3 GDP D . 6.49 -6.38 29.02
C4 GDP D . 5.70 -5.55 28.27
#